data_5IOP
#
_entry.id   5IOP
#
_cell.length_a   64.050
_cell.length_b   83.160
_cell.length_c   212.260
_cell.angle_alpha   90.00
_cell.angle_beta   90.00
_cell.angle_gamma   90.00
#
_symmetry.space_group_name_H-M   'P 21 21 21'
#
loop_
_entity.id
_entity.type
_entity.pdbx_description
1 polymer 'Cetuximab Fab, light chain'
2 polymer 'Cetuximab Fab, heavy chain'
3 polymer 'Meditope variant'
4 non-polymer 'PHOSPHATE ION'
5 water water
#
loop_
_entity_poly.entity_id
_entity_poly.type
_entity_poly.pdbx_seq_one_letter_code
_entity_poly.pdbx_strand_id
1 'polypeptide(L)'
;DILLTQSPVILSVSPGERVSFSCRASQSIGTNIHWYQQRTNGSPRLLIKYASESISGIPSRFSGSGSGTDFTLSINSVES
EDIADYYCQQNNNWPTTFGAGTKLELKRTVAAPSVFIFPPSDEQLKSGTASVVCLLNNFYPREAKVQWKVDNALQSGNSQ
ESVTEQDSKDSTYSLSSTLTLSKADYEKHKVYACEVTHQGLSSPVTKSFNRGA
;
A,C
2 'polypeptide(L)'
;QVQLKQSGPGLVQPSQSLSITCTVSGFSLTNYGVHWVRQSPGKGLEWLGVIWSGGNTDYNTPFTSRLSINKDNSKSQVFF
KMNSLQSNDTAIYYCARALTYYDYEFAYWGQGTLVTVSAASTKGPSVFPLAPSSKSTSGGTAALGCLVKDYFPEPVTVSW
NSGALTSGVHTFPAVLQSSGLYSLSSVVTVPSSSLGTQTYICNVNHKPSNTKVDKRVEPKS
;
B,D
3 'polypeptide(L)' GQ(4BF)DLSTRRLKG E,F
#
loop_
_chem_comp.id
_chem_comp.type
_chem_comp.name
_chem_comp.formula
PO4 non-polymer 'PHOSPHATE ION' 'O4 P -3'
#
# COMPACT_ATOMS: atom_id res chain seq x y z
N ASP A 1 27.70 6.97 14.95
CA ASP A 1 26.90 5.77 15.15
C ASP A 1 26.48 5.16 13.82
N ILE A 2 26.21 3.86 13.82
CA ILE A 2 25.71 3.18 12.62
C ILE A 2 24.27 3.59 12.36
N LEU A 3 23.98 3.98 11.13
CA LEU A 3 22.62 4.29 10.71
C LEU A 3 22.01 3.08 10.03
N LEU A 4 20.89 2.61 10.56
CA LEU A 4 20.17 1.47 10.00
C LEU A 4 18.97 2.00 9.22
N THR A 5 18.90 1.67 7.94
CA THR A 5 17.83 2.13 7.06
C THR A 5 16.93 0.95 6.73
N GLN A 6 15.65 1.06 7.10
CA GLN A 6 14.68 0.01 6.85
C GLN A 6 13.76 0.42 5.70
N SER A 7 13.53 -0.51 4.79
CA SER A 7 12.69 -0.24 3.63
C SER A 7 11.85 -1.46 3.26
N PRO A 8 10.64 -1.23 2.72
CA PRO A 8 9.94 0.06 2.65
C PRO A 8 9.48 0.49 4.03
N VAL A 9 8.76 1.59 4.12
CA VAL A 9 8.21 1.94 5.43
C VAL A 9 6.89 1.22 5.70
N ILE A 10 6.07 0.99 4.67
CA ILE A 10 4.84 0.20 4.77
C ILE A 10 4.95 -1.02 3.85
N LEU A 11 4.31 -2.12 4.26
CA LEU A 11 4.32 -3.37 3.50
C LEU A 11 2.94 -4.01 3.62
N SER A 12 2.24 -4.15 2.50
CA SER A 12 0.89 -4.70 2.46
C SER A 12 0.89 -5.98 1.62
N VAL A 13 0.51 -7.10 2.26
CA VAL A 13 0.48 -8.40 1.59
C VAL A 13 -0.81 -9.13 1.98
N SER A 14 -1.03 -10.27 1.33
CA SER A 14 -2.16 -11.15 1.58
C SER A 14 -1.71 -12.39 2.33
N PRO A 15 -2.59 -13.02 3.11
CA PRO A 15 -2.20 -14.20 3.88
C PRO A 15 -1.64 -15.30 2.98
N GLY A 16 -0.70 -16.07 3.54
CA GLY A 16 -0.06 -17.13 2.81
C GLY A 16 1.07 -16.70 1.90
N GLU A 17 1.19 -15.41 1.62
CA GLU A 17 2.28 -14.92 0.78
C GLU A 17 3.56 -14.79 1.59
N ARG A 18 4.68 -14.90 0.88
CA ARG A 18 5.98 -14.65 1.49
C ARG A 18 6.24 -13.14 1.51
N VAL A 19 6.90 -12.68 2.57
CA VAL A 19 7.20 -11.25 2.70
C VAL A 19 8.62 -11.10 3.22
N SER A 20 9.29 -10.03 2.77
CA SER A 20 10.68 -9.75 3.10
C SER A 20 10.82 -8.33 3.62
N PHE A 21 11.54 -8.17 4.72
CA PHE A 21 11.88 -6.86 5.26
C PHE A 21 13.35 -6.55 4.99
N SER A 22 13.63 -5.30 4.67
CA SER A 22 14.98 -4.85 4.36
C SER A 22 15.55 -4.02 5.50
N CYS A 23 16.84 -4.22 5.79
CA CYS A 23 17.59 -3.43 6.76
C CYS A 23 18.99 -3.23 6.22
N ARG A 24 19.37 -1.98 5.98
CA ARG A 24 20.67 -1.64 5.43
C ARG A 24 21.44 -0.77 6.40
N ALA A 25 22.72 -1.10 6.59
CA ALA A 25 23.59 -0.43 7.53
C ALA A 25 24.54 0.52 6.80
N SER A 26 24.90 1.61 7.49
CA SER A 26 25.73 2.65 6.89
C SER A 26 27.17 2.21 6.66
N GLN A 27 27.63 1.18 7.37
CA GLN A 27 28.88 0.52 7.05
C GLN A 27 28.79 -0.93 7.53
N SER A 28 29.76 -1.74 7.09
CA SER A 28 29.67 -3.18 7.33
C SER A 28 29.56 -3.47 8.81
N ILE A 29 28.67 -4.41 9.15
CA ILE A 29 28.47 -4.81 10.54
C ILE A 29 28.54 -6.32 10.64
N GLY A 30 29.10 -6.97 9.62
CA GLY A 30 29.22 -8.41 9.62
C GLY A 30 27.85 -9.07 9.60
N THR A 31 27.57 -9.85 10.65
CA THR A 31 26.25 -10.44 10.86
C THR A 31 25.68 -10.04 12.20
N ASN A 32 26.09 -8.87 12.71
CA ASN A 32 25.70 -8.44 14.06
C ASN A 32 24.42 -7.63 13.98
N ILE A 33 23.33 -8.33 13.72
CA ILE A 33 22.02 -7.71 13.56
C ILE A 33 20.97 -8.60 14.20
N HIS A 34 20.02 -7.97 14.90
CA HIS A 34 18.89 -8.65 15.52
C HIS A 34 17.60 -8.02 15.01
N TRP A 35 16.55 -8.83 14.92
CA TRP A 35 15.25 -8.42 14.42
C TRP A 35 14.21 -8.50 15.53
N TYR A 36 13.27 -7.57 15.53
CA TYR A 36 12.24 -7.50 16.56
C TYR A 36 10.86 -7.29 15.94
N GLN A 37 9.85 -7.83 16.63
CA GLN A 37 8.45 -7.62 16.30
C GLN A 37 7.79 -6.83 17.42
N GLN A 38 6.99 -5.83 17.04
CA GLN A 38 6.21 -5.06 18.02
C GLN A 38 4.74 -5.06 17.60
N ARG A 39 3.90 -5.73 18.39
CA ARG A 39 2.47 -5.71 18.17
C ARG A 39 1.84 -4.48 18.85
N THR A 40 0.58 -4.23 18.51
CA THR A 40 -0.14 -3.11 19.08
C THR A 40 -0.15 -3.20 20.60
N ASN A 41 0.29 -2.11 21.24
CA ASN A 41 0.38 -1.99 22.70
C ASN A 41 1.33 -3.02 23.31
N GLY A 42 2.23 -3.59 22.51
CA GLY A 42 3.14 -4.60 22.97
C GLY A 42 4.57 -4.09 23.12
N SER A 43 5.35 -4.86 23.81
CA SER A 43 6.78 -4.60 23.88
C SER A 43 7.48 -5.35 22.76
N PRO A 44 8.65 -4.87 22.32
CA PRO A 44 9.38 -5.57 21.26
C PRO A 44 9.63 -7.02 21.61
N ARG A 45 9.57 -7.88 20.59
CA ARG A 45 9.75 -9.32 20.72
C ARG A 45 10.87 -9.76 19.79
N LEU A 46 11.89 -10.38 20.37
CA LEU A 46 13.07 -10.81 19.62
C LEU A 46 12.72 -11.97 18.69
N LEU A 47 12.97 -11.79 17.39
CA LEU A 47 12.67 -12.79 16.37
C LEU A 47 13.89 -13.53 15.87
N ILE A 48 14.94 -12.80 15.52
CA ILE A 48 16.16 -13.36 14.95
C ILE A 48 17.33 -12.68 15.64
N LYS A 49 18.37 -13.44 15.95
CA LYS A 49 19.62 -12.90 16.45
C LYS A 49 20.75 -13.26 15.49
N TYR A 50 21.71 -12.35 15.36
CA TYR A 50 22.87 -12.51 14.49
C TYR A 50 22.46 -12.95 13.08
N ALA A 51 21.58 -12.13 12.49
CA ALA A 51 21.16 -12.23 11.09
C ALA A 51 20.27 -13.43 10.79
N SER A 52 20.62 -14.61 11.33
CA SER A 52 19.95 -15.83 10.86
C SER A 52 19.62 -16.84 11.95
N GLU A 53 19.99 -16.60 13.21
CA GLU A 53 19.86 -17.63 14.23
C GLU A 53 18.47 -17.63 14.85
N SER A 54 17.92 -18.83 15.04
CA SER A 54 16.57 -18.98 15.56
C SER A 54 16.49 -18.58 17.02
N ILE A 55 15.27 -18.28 17.45
CA ILE A 55 14.96 -17.92 18.83
C ILE A 55 13.92 -18.90 19.35
N SER A 56 14.06 -19.30 20.61
CA SER A 56 13.10 -20.20 21.23
C SER A 56 11.68 -19.64 21.14
N GLY A 57 10.72 -20.51 20.87
CA GLY A 57 9.32 -20.16 20.86
C GLY A 57 8.86 -19.32 19.69
N ILE A 58 9.73 -19.02 18.72
CA ILE A 58 9.37 -18.20 17.57
C ILE A 58 8.99 -19.12 16.42
N PRO A 59 7.84 -18.91 15.77
CA PRO A 59 7.42 -19.82 14.69
C PRO A 59 8.47 -19.93 13.60
N SER A 60 8.54 -21.13 13.00
CA SER A 60 9.58 -21.40 12.01
C SER A 60 9.43 -20.60 10.74
N ARG A 61 8.27 -19.97 10.51
CA ARG A 61 8.10 -19.19 9.28
C ARG A 61 8.91 -17.90 9.30
N PHE A 62 9.54 -17.56 10.43
CA PHE A 62 10.43 -16.41 10.52
C PHE A 62 11.86 -16.84 10.27
N SER A 63 12.52 -16.18 9.32
CA SER A 63 13.93 -16.45 9.03
C SER A 63 14.60 -15.15 8.64
N GLY A 64 15.92 -15.17 8.64
CA GLY A 64 16.71 -14.00 8.30
C GLY A 64 17.98 -14.38 7.59
N SER A 65 18.46 -13.46 6.75
CA SER A 65 19.69 -13.65 5.99
C SER A 65 20.40 -12.31 5.90
N GLY A 66 21.56 -12.34 5.24
CA GLY A 66 22.33 -11.13 4.98
C GLY A 66 23.65 -11.13 5.73
N SER A 67 24.56 -10.28 5.25
CA SER A 67 25.85 -10.03 5.88
C SER A 67 26.45 -8.78 5.24
N GLY A 68 27.33 -8.12 5.99
CA GLY A 68 27.89 -6.87 5.54
C GLY A 68 27.00 -5.69 5.84
N THR A 69 26.26 -5.21 4.83
CA THR A 69 25.40 -4.04 4.98
C THR A 69 23.95 -4.29 4.64
N ASP A 70 23.62 -5.39 3.95
CA ASP A 70 22.28 -5.65 3.45
C ASP A 70 21.74 -6.91 4.13
N PHE A 71 20.60 -6.78 4.82
CA PHE A 71 20.05 -7.84 5.63
C PHE A 71 18.55 -7.97 5.37
N THR A 72 18.04 -9.19 5.48
CA THR A 72 16.64 -9.43 5.15
C THR A 72 15.99 -10.31 6.19
N LEU A 73 14.84 -9.90 6.67
CA LEU A 73 13.96 -10.73 7.50
C LEU A 73 12.81 -11.20 6.63
N SER A 74 12.52 -12.50 6.69
CA SER A 74 11.54 -13.10 5.80
C SER A 74 10.49 -13.87 6.58
N ILE A 75 9.25 -13.80 6.08
CA ILE A 75 8.13 -14.64 6.52
C ILE A 75 7.59 -15.32 5.27
N ASN A 76 7.66 -16.65 5.22
CA ASN A 76 7.34 -17.34 3.97
C ASN A 76 5.84 -17.48 3.74
N SER A 77 5.04 -17.50 4.81
CA SER A 77 3.59 -17.63 4.69
C SER A 77 2.96 -16.71 5.74
N VAL A 78 2.64 -15.48 5.32
CA VAL A 78 2.14 -14.47 6.25
C VAL A 78 0.83 -14.94 6.87
N GLU A 79 0.73 -14.78 8.19
CA GLU A 79 -0.50 -15.02 8.92
C GLU A 79 -1.04 -13.71 9.46
N SER A 80 -2.30 -13.76 9.92
CA SER A 80 -3.00 -12.56 10.34
C SER A 80 -2.37 -11.97 11.60
N GLU A 81 -1.93 -12.82 12.53
CA GLU A 81 -1.33 -12.32 13.76
C GLU A 81 0.09 -11.82 13.56
N ASP A 82 0.61 -11.85 12.34
CA ASP A 82 1.89 -11.24 12.01
C ASP A 82 1.79 -9.73 11.82
N ILE A 83 0.58 -9.16 11.90
CA ILE A 83 0.42 -7.72 11.77
C ILE A 83 1.18 -7.05 12.91
N ALA A 84 2.14 -6.20 12.55
CA ALA A 84 2.99 -5.53 13.52
C ALA A 84 4.00 -4.63 12.81
N ASP A 85 4.85 -3.95 13.57
CA ASP A 85 6.03 -3.31 13.02
C ASP A 85 7.24 -4.18 13.32
N TYR A 86 8.23 -4.11 12.45
CA TYR A 86 9.41 -4.95 12.54
C TYR A 86 10.65 -4.09 12.51
N TYR A 87 11.57 -4.36 13.45
CA TYR A 87 12.73 -3.51 13.68
C TYR A 87 14.00 -4.33 13.61
N CYS A 88 15.05 -3.74 13.06
CA CYS A 88 16.38 -4.33 13.10
C CYS A 88 17.26 -3.56 14.08
N GLN A 89 18.23 -4.27 14.64
CA GLN A 89 19.16 -3.70 15.59
C GLN A 89 20.56 -4.19 15.27
N GLN A 90 21.53 -3.28 15.26
CA GLN A 90 22.92 -3.64 15.05
C GLN A 90 23.68 -3.54 16.37
N ASN A 91 24.71 -4.37 16.53
CA ASN A 91 25.59 -4.28 17.68
C ASN A 91 27.03 -4.65 17.33
N ASN A 92 27.46 -4.33 16.10
CA ASN A 92 28.87 -4.49 15.78
C ASN A 92 29.67 -3.31 16.32
N ASN A 93 29.04 -2.13 16.38
CA ASN A 93 29.67 -0.90 16.84
C ASN A 93 28.85 -0.33 17.99
N TRP A 94 29.54 0.05 19.06
CA TRP A 94 28.92 0.73 20.19
C TRP A 94 28.64 2.18 19.81
N PRO A 95 27.42 2.67 20.10
CA PRO A 95 26.34 1.98 20.80
C PRO A 95 25.41 1.21 19.87
N THR A 96 24.75 0.19 20.41
CA THR A 96 23.75 -0.53 19.63
C THR A 96 22.66 0.44 19.17
N THR A 97 22.24 0.31 17.92
CA THR A 97 21.27 1.21 17.32
C THR A 97 20.18 0.41 16.62
N PHE A 98 19.03 1.04 16.46
CA PHE A 98 17.84 0.43 15.89
C PHE A 98 17.41 1.17 14.63
N GLY A 99 16.87 0.43 13.68
CA GLY A 99 16.25 1.02 12.51
C GLY A 99 14.92 1.68 12.86
N ALA A 100 14.32 2.31 11.85
CA ALA A 100 13.07 3.04 12.07
C ALA A 100 11.83 2.17 11.92
N GLY A 101 11.96 0.93 11.47
CA GLY A 101 10.84 0.01 11.45
C GLY A 101 10.11 0.00 10.12
N THR A 102 9.46 -1.13 9.83
CA THR A 102 8.60 -1.30 8.67
C THR A 102 7.28 -1.87 9.16
N LYS A 103 6.17 -1.25 8.76
CA LYS A 103 4.85 -1.71 9.15
C LYS A 103 4.35 -2.76 8.16
N LEU A 104 3.81 -3.87 8.68
CA LEU A 104 3.26 -4.92 7.83
C LEU A 104 1.74 -4.95 7.98
N GLU A 105 1.05 -4.59 6.92
CA GLU A 105 -0.41 -4.68 6.85
C GLU A 105 -0.81 -5.91 6.07
N LEU A 106 -2.05 -6.34 6.29
CA LEU A 106 -2.59 -7.49 5.57
C LEU A 106 -3.78 -7.08 4.72
N LYS A 107 -3.81 -7.59 3.49
CA LYS A 107 -4.99 -7.46 2.65
C LYS A 107 -6.02 -8.51 3.02
N ARG A 108 -7.28 -8.20 2.73
CA ARG A 108 -8.37 -9.15 2.90
C ARG A 108 -9.53 -8.69 2.06
N THR A 109 -10.59 -9.50 2.02
CA THR A 109 -11.77 -9.15 1.25
C THR A 109 -12.46 -7.93 1.85
N VAL A 110 -13.20 -7.22 0.99
CA VAL A 110 -13.98 -6.07 1.45
C VAL A 110 -15.02 -6.53 2.47
N ALA A 111 -15.12 -5.80 3.56
CA ALA A 111 -16.10 -6.08 4.62
C ALA A 111 -16.76 -4.76 5.00
N ALA A 112 -18.07 -4.67 4.78
CA ALA A 112 -18.82 -3.48 5.11
C ALA A 112 -18.90 -3.31 6.63
N PRO A 113 -18.89 -2.08 7.12
CA PRO A 113 -18.99 -1.88 8.57
C PRO A 113 -20.41 -2.10 9.08
N SER A 114 -20.50 -2.51 10.34
CA SER A 114 -21.75 -2.46 11.09
C SER A 114 -21.77 -1.15 11.86
N VAL A 115 -22.88 -0.41 11.77
CA VAL A 115 -22.94 0.95 12.27
C VAL A 115 -23.88 1.02 13.47
N PHE A 116 -23.40 1.63 14.55
CA PHE A 116 -24.16 1.82 15.76
C PHE A 116 -24.01 3.28 16.19
N ILE A 117 -25.05 3.82 16.82
CA ILE A 117 -25.03 5.21 17.29
C ILE A 117 -25.52 5.22 18.73
N PHE A 118 -24.85 6.01 19.57
CA PHE A 118 -25.19 6.09 20.98
C PHE A 118 -25.47 7.54 21.35
N PRO A 119 -26.63 7.83 21.93
CA PRO A 119 -26.88 9.18 22.45
C PRO A 119 -26.00 9.44 23.66
N PRO A 120 -25.87 10.69 24.08
CA PRO A 120 -25.19 10.96 25.35
C PRO A 120 -25.97 10.37 26.51
N SER A 121 -25.24 9.89 27.51
CA SER A 121 -25.89 9.41 28.72
C SER A 121 -26.44 10.58 29.51
N ASP A 122 -27.51 10.32 30.28
CA ASP A 122 -28.01 11.34 31.20
C ASP A 122 -26.96 11.71 32.22
N GLU A 123 -26.07 10.77 32.56
CA GLU A 123 -24.97 11.07 33.47
C GLU A 123 -24.09 12.18 32.91
N GLN A 124 -23.67 12.05 31.65
CA GLN A 124 -22.81 13.08 31.07
C GLN A 124 -23.54 14.41 30.94
N LEU A 125 -24.84 14.38 30.65
CA LEU A 125 -25.61 15.61 30.53
C LEU A 125 -25.65 16.41 31.83
N LYS A 126 -25.44 15.75 32.97
CA LYS A 126 -25.30 16.50 34.23
C LYS A 126 -24.08 17.40 34.22
N SER A 127 -23.04 17.01 33.49
CA SER A 127 -21.78 17.76 33.46
C SER A 127 -21.83 18.94 32.49
N GLY A 128 -22.92 19.13 31.76
CA GLY A 128 -23.01 20.23 30.82
C GLY A 128 -22.40 20.00 29.46
N THR A 129 -22.07 18.75 29.14
CA THR A 129 -21.50 18.42 27.83
C THR A 129 -22.16 17.16 27.31
N ALA A 130 -22.36 17.11 26.00
CA ALA A 130 -22.99 15.98 25.33
C ALA A 130 -22.04 15.37 24.32
N SER A 131 -21.86 14.05 24.40
CA SER A 131 -21.07 13.29 23.43
C SER A 131 -21.97 12.31 22.70
N VAL A 132 -21.98 12.39 21.37
CA VAL A 132 -22.70 11.46 20.52
C VAL A 132 -21.65 10.62 19.80
N VAL A 133 -21.72 9.29 19.96
CA VAL A 133 -20.71 8.39 19.43
C VAL A 133 -21.33 7.56 18.31
N CYS A 134 -20.61 7.45 17.19
CA CYS A 134 -21.02 6.62 16.07
C CYS A 134 -19.93 5.60 15.85
N LEU A 135 -20.27 4.32 15.95
CA LEU A 135 -19.32 3.23 15.87
C LEU A 135 -19.44 2.52 14.54
N LEU A 136 -18.32 2.40 13.83
CA LEU A 136 -18.21 1.59 12.62
C LEU A 136 -17.34 0.38 12.98
N ASN A 137 -17.92 -0.81 12.88
CA ASN A 137 -17.31 -2.00 13.46
C ASN A 137 -16.88 -2.99 12.39
N ASN A 138 -15.62 -3.43 12.48
CA ASN A 138 -15.08 -4.60 11.77
C ASN A 138 -15.31 -4.48 10.26
N PHE A 139 -14.58 -3.53 9.67
CA PHE A 139 -14.71 -3.24 8.24
C PHE A 139 -13.34 -3.25 7.58
N TYR A 140 -13.36 -3.31 6.25
CA TYR A 140 -12.14 -3.26 5.44
C TYR A 140 -12.51 -2.86 4.02
N PRO A 141 -11.73 -1.97 3.38
CA PRO A 141 -10.48 -1.36 3.87
C PRO A 141 -10.71 -0.23 4.85
N ARG A 142 -9.62 0.45 5.22
CA ARG A 142 -9.67 1.43 6.30
C ARG A 142 -10.49 2.66 5.93
N GLU A 143 -10.42 3.10 4.67
CA GLU A 143 -11.05 4.35 4.27
C GLU A 143 -12.55 4.32 4.53
N ALA A 144 -13.05 5.39 5.14
CA ALA A 144 -14.47 5.51 5.48
C ALA A 144 -14.79 6.97 5.74
N LYS A 145 -16.01 7.37 5.39
CA LYS A 145 -16.51 8.71 5.64
C LYS A 145 -17.62 8.66 6.70
N VAL A 146 -17.57 9.58 7.65
CA VAL A 146 -18.63 9.74 8.64
C VAL A 146 -19.11 11.18 8.56
N GLN A 147 -20.38 11.36 8.21
CA GLN A 147 -21.00 12.68 8.10
C GLN A 147 -22.04 12.83 9.18
N TRP A 148 -21.93 13.89 9.97
CA TRP A 148 -22.85 14.16 11.07
C TRP A 148 -23.89 15.17 10.63
N LYS A 149 -25.13 14.98 11.10
CA LYS A 149 -26.21 15.90 10.80
C LYS A 149 -27.07 16.09 12.03
N VAL A 150 -27.35 17.34 12.37
CA VAL A 150 -28.25 17.69 13.45
C VAL A 150 -29.37 18.55 12.87
N ASP A 151 -30.59 18.03 12.91
CA ASP A 151 -31.74 18.68 12.28
C ASP A 151 -31.42 19.06 10.83
N ASN A 152 -30.80 18.13 10.11
CA ASN A 152 -30.33 18.27 8.74
C ASN A 152 -29.22 19.29 8.57
N ALA A 153 -28.70 19.89 9.64
CA ALA A 153 -27.56 20.78 9.53
C ALA A 153 -26.27 19.95 9.55
N LEU A 154 -25.45 20.13 8.52
CA LEU A 154 -24.16 19.44 8.46
C LEU A 154 -23.25 19.93 9.57
N GLN A 155 -22.71 18.99 10.34
CA GLN A 155 -21.76 19.31 11.40
C GLN A 155 -20.34 19.26 10.86
N SER A 156 -19.54 20.25 11.22
CA SER A 156 -18.17 20.36 10.71
C SER A 156 -17.29 20.95 11.80
N GLY A 157 -16.19 20.27 12.08
CA GLY A 157 -15.20 20.73 13.05
C GLY A 157 -15.44 20.29 14.48
N ASN A 158 -16.60 19.73 14.80
CA ASN A 158 -16.94 19.38 16.18
C ASN A 158 -17.06 17.87 16.38
N SER A 159 -16.28 17.10 15.62
CA SER A 159 -16.22 15.65 15.81
C SER A 159 -14.77 15.21 15.70
N GLN A 160 -14.47 14.08 16.34
CA GLN A 160 -13.14 13.50 16.24
C GLN A 160 -13.26 12.00 15.98
N GLU A 161 -12.32 11.48 15.20
CA GLU A 161 -12.30 10.08 14.80
C GLU A 161 -11.12 9.37 15.45
N SER A 162 -11.34 8.10 15.80
CA SER A 162 -10.26 7.23 16.23
C SER A 162 -10.48 5.88 15.56
N VAL A 163 -9.37 5.26 15.14
CA VAL A 163 -9.38 4.05 14.33
C VAL A 163 -8.44 3.04 14.98
N THR A 164 -8.93 1.83 15.20
CA THR A 164 -8.08 0.78 15.74
C THR A 164 -7.01 0.40 14.73
N GLU A 165 -5.95 -0.23 15.22
CA GLU A 165 -5.05 -0.92 14.31
C GLU A 165 -5.76 -2.16 13.76
N GLN A 166 -5.14 -2.79 12.78
CA GLN A 166 -5.77 -3.97 12.18
C GLN A 166 -5.94 -5.05 13.23
N ASP A 167 -7.05 -5.77 13.14
CA ASP A 167 -7.31 -6.86 14.07
C ASP A 167 -6.41 -8.05 13.77
N SER A 168 -5.86 -8.66 14.81
CA SER A 168 -4.95 -9.77 14.61
C SER A 168 -5.66 -11.02 14.11
N LYS A 169 -6.97 -11.14 14.37
CA LYS A 169 -7.69 -12.37 14.02
C LYS A 169 -8.34 -12.29 12.64
N ASP A 170 -9.10 -11.22 12.36
CA ASP A 170 -9.83 -11.12 11.10
C ASP A 170 -9.38 -9.95 10.21
N SER A 171 -8.32 -9.23 10.58
CA SER A 171 -7.69 -8.22 9.74
C SER A 171 -8.58 -7.00 9.47
N THR A 172 -9.63 -6.79 10.25
CA THR A 172 -10.53 -5.66 10.02
C THR A 172 -10.12 -4.46 10.88
N TYR A 173 -10.70 -3.31 10.54
CA TYR A 173 -10.60 -2.10 11.34
C TYR A 173 -11.94 -1.78 11.98
N SER A 174 -11.88 -1.00 13.05
CA SER A 174 -13.07 -0.39 13.63
C SER A 174 -12.80 1.08 13.88
N LEU A 175 -13.85 1.88 13.77
CA LEU A 175 -13.74 3.33 13.85
C LEU A 175 -14.82 3.87 14.78
N SER A 176 -14.44 4.87 15.57
CA SER A 176 -15.38 5.62 16.39
C SER A 176 -15.36 7.07 15.93
N SER A 177 -16.55 7.64 15.78
CA SER A 177 -16.70 9.07 15.54
C SER A 177 -17.50 9.67 16.69
N THR A 178 -16.94 10.69 17.32
CA THR A 178 -17.52 11.30 18.51
C THR A 178 -17.85 12.75 18.20
N LEU A 179 -19.14 13.08 18.19
CA LEU A 179 -19.61 14.44 18.04
C LEU A 179 -19.76 15.05 19.42
N THR A 180 -19.08 16.16 19.67
CA THR A 180 -19.09 16.82 20.97
C THR A 180 -19.78 18.18 20.85
N LEU A 181 -20.74 18.43 21.73
CA LEU A 181 -21.47 19.68 21.72
C LEU A 181 -21.90 20.00 23.14
N SER A 182 -22.18 21.28 23.38
CA SER A 182 -22.64 21.70 24.69
C SER A 182 -24.04 21.16 24.96
N LYS A 183 -24.37 21.01 26.24
CA LYS A 183 -25.70 20.53 26.61
C LYS A 183 -26.78 21.49 26.13
N ALA A 184 -26.52 22.80 26.21
CA ALA A 184 -27.49 23.76 25.74
C ALA A 184 -27.79 23.54 24.26
N ASP A 185 -26.74 23.41 23.44
CA ASP A 185 -26.93 23.13 22.03
CA ASP A 185 -26.91 23.11 22.02
C ASP A 185 -27.66 21.80 21.83
N TYR A 186 -27.24 20.76 22.56
CA TYR A 186 -27.85 19.44 22.41
C TYR A 186 -29.35 19.49 22.70
N GLU A 187 -29.75 20.27 23.71
CA GLU A 187 -31.16 20.35 24.05
C GLU A 187 -31.96 21.13 23.03
N LYS A 188 -31.32 21.99 22.24
CA LYS A 188 -32.00 22.80 21.24
C LYS A 188 -32.25 22.06 19.93
N HIS A 189 -32.05 20.75 19.86
CA HIS A 189 -32.18 20.02 18.60
C HIS A 189 -32.75 18.63 18.87
N LYS A 190 -33.19 17.97 17.79
CA LYS A 190 -33.91 16.71 17.92
C LYS A 190 -33.24 15.56 17.17
N VAL A 191 -33.03 15.68 15.86
CA VAL A 191 -32.61 14.55 15.04
C VAL A 191 -31.09 14.52 14.96
N TYR A 192 -30.49 13.42 15.40
CA TYR A 192 -29.04 13.25 15.40
C TYR A 192 -28.70 12.03 14.54
N ALA A 193 -27.95 12.24 13.46
CA ALA A 193 -27.68 11.18 12.50
C ALA A 193 -26.21 11.17 12.11
N CYS A 194 -25.62 9.98 12.03
CA CYS A 194 -24.33 9.81 11.38
C CYS A 194 -24.54 8.98 10.12
N GLU A 195 -24.05 9.50 9.01
CA GLU A 195 -24.09 8.80 7.73
C GLU A 195 -22.70 8.24 7.44
N VAL A 196 -22.66 6.98 7.02
CA VAL A 196 -21.42 6.25 6.87
C VAL A 196 -21.26 5.84 5.42
N THR A 197 -20.12 6.18 4.83
CA THR A 197 -19.77 5.81 3.47
C THR A 197 -18.62 4.83 3.52
N HIS A 198 -18.72 3.75 2.74
CA HIS A 198 -17.66 2.75 2.69
C HIS A 198 -17.81 1.92 1.42
N GLN A 199 -16.67 1.45 0.92
CA GLN A 199 -16.63 0.66 -0.31
C GLN A 199 -17.54 -0.55 -0.25
N GLY A 200 -17.69 -1.16 0.92
CA GLY A 200 -18.51 -2.35 1.05
C GLY A 200 -20.00 -2.13 1.15
N LEU A 201 -20.47 -0.89 1.05
CA LEU A 201 -21.89 -0.58 1.06
C LEU A 201 -22.29 -0.07 -0.32
N SER A 202 -23.40 -0.59 -0.85
CA SER A 202 -23.89 -0.10 -2.12
C SER A 202 -24.44 1.31 -2.02
N SER A 203 -24.86 1.74 -0.83
CA SER A 203 -25.33 3.09 -0.60
C SER A 203 -25.10 3.43 0.87
N PRO A 204 -25.01 4.71 1.22
CA PRO A 204 -24.64 5.07 2.60
C PRO A 204 -25.67 4.58 3.61
N VAL A 205 -25.17 4.22 4.78
CA VAL A 205 -26.00 3.77 5.90
C VAL A 205 -26.11 4.90 6.91
N THR A 206 -27.33 5.23 7.31
CA THR A 206 -27.55 6.27 8.30
C THR A 206 -28.16 5.65 9.55
N LYS A 207 -27.52 5.91 10.69
CA LYS A 207 -28.06 5.57 12.00
C LYS A 207 -28.42 6.87 12.71
N SER A 208 -29.66 6.97 13.19
CA SER A 208 -30.09 8.19 13.84
C SER A 208 -30.95 7.87 15.05
N PHE A 209 -31.11 8.90 15.89
CA PHE A 209 -32.05 8.88 16.99
C PHE A 209 -32.62 10.29 17.16
N ASN A 210 -33.73 10.37 17.88
CA ASN A 210 -34.31 11.63 18.30
C ASN A 210 -34.13 11.78 19.80
N ARG A 211 -33.57 12.92 20.22
CA ARG A 211 -33.34 13.17 21.63
C ARG A 211 -34.60 12.97 22.45
N GLY A 212 -34.50 12.14 23.50
CA GLY A 212 -35.66 11.77 24.28
C GLY A 212 -36.55 10.74 23.63
N ALA A 213 -36.01 9.92 22.74
CA ALA A 213 -36.74 8.86 22.02
C ALA A 213 -37.83 9.43 21.10
N GLN B 1 8.89 -18.12 34.76
CA GLN B 1 10.00 -17.82 33.86
C GLN B 1 10.61 -16.45 34.16
N VAL B 2 11.33 -15.90 33.19
CA VAL B 2 12.00 -14.62 33.35
C VAL B 2 11.00 -13.50 33.08
N GLN B 3 10.88 -12.56 34.02
CA GLN B 3 9.98 -11.43 33.88
C GLN B 3 10.64 -10.16 34.38
N LEU B 4 10.24 -9.03 33.79
CA LEU B 4 10.63 -7.71 34.25
C LEU B 4 9.37 -6.87 34.40
N LYS B 5 9.13 -6.34 35.59
CA LYS B 5 7.94 -5.55 35.88
C LYS B 5 8.36 -4.15 36.28
N GLN B 6 7.96 -3.16 35.49
CA GLN B 6 8.34 -1.77 35.73
C GLN B 6 7.25 -1.05 36.51
N SER B 7 7.65 0.05 37.14
CA SER B 7 6.70 0.89 37.85
C SER B 7 5.78 1.62 36.87
N GLY B 8 4.70 2.18 37.41
CA GLY B 8 3.61 2.71 36.62
C GLY B 8 3.93 3.99 35.87
N PRO B 9 3.09 4.32 34.89
CA PRO B 9 3.31 5.53 34.11
C PRO B 9 2.99 6.77 34.95
N GLY B 10 3.51 7.90 34.48
CA GLY B 10 3.29 9.12 35.24
C GLY B 10 3.71 10.36 34.48
N LEU B 11 3.34 11.49 35.04
CA LEU B 11 3.68 12.81 34.56
C LEU B 11 4.95 13.30 35.25
N VAL B 12 5.74 14.10 34.51
CA VAL B 12 6.91 14.76 35.07
C VAL B 12 6.96 16.18 34.52
N GLN B 13 7.23 17.13 35.40
CA GLN B 13 7.31 18.53 34.99
C GLN B 13 8.60 18.76 34.19
N PRO B 14 8.56 19.70 33.23
CA PRO B 14 9.79 20.04 32.52
C PRO B 14 10.86 20.54 33.47
N SER B 15 12.12 20.28 33.10
CA SER B 15 13.32 20.55 33.89
C SER B 15 13.42 19.67 35.12
N GLN B 16 12.59 18.65 35.24
CA GLN B 16 12.55 17.80 36.43
C GLN B 16 13.03 16.39 36.08
N SER B 17 13.03 15.52 37.09
CA SER B 17 13.71 14.24 37.02
C SER B 17 12.71 13.08 36.95
N LEU B 18 13.19 11.98 36.37
CA LEU B 18 12.39 10.78 36.11
C LEU B 18 12.95 9.62 36.91
N SER B 19 12.06 8.83 37.52
CA SER B 19 12.47 7.66 38.29
C SER B 19 11.59 6.49 37.92
N ILE B 20 12.22 5.37 37.55
CA ILE B 20 11.51 4.14 37.19
C ILE B 20 12.20 2.97 37.88
N THR B 21 11.41 2.07 38.44
CA THR B 21 11.92 0.88 39.09
C THR B 21 11.57 -0.34 38.23
N CYS B 22 12.57 -1.17 37.97
CA CYS B 22 12.40 -2.42 37.25
C CYS B 22 12.63 -3.55 38.24
N THR B 23 11.61 -4.37 38.45
CA THR B 23 11.72 -5.52 39.34
C THR B 23 11.76 -6.79 38.49
N VAL B 24 12.75 -7.64 38.75
CA VAL B 24 12.96 -8.82 37.92
C VAL B 24 12.72 -10.07 38.75
N SER B 25 12.35 -11.14 38.06
CA SER B 25 12.21 -12.46 38.67
C SER B 25 12.54 -13.49 37.61
N GLY B 26 12.82 -14.71 38.07
CA GLY B 26 13.27 -15.76 37.18
C GLY B 26 14.75 -15.75 36.88
N PHE B 27 15.51 -14.85 37.51
CA PHE B 27 16.96 -14.79 37.37
C PHE B 27 17.48 -13.79 38.40
N SER B 28 18.80 -13.73 38.53
CA SER B 28 19.44 -12.90 39.54
C SER B 28 20.18 -11.74 38.87
N LEU B 29 20.08 -10.57 39.48
CA LEU B 29 20.81 -9.40 38.99
C LEU B 29 22.31 -9.56 39.12
N THR B 30 22.77 -10.48 39.96
CA THR B 30 24.20 -10.78 40.06
C THR B 30 24.72 -11.59 38.89
N ASN B 31 23.83 -12.19 38.10
CA ASN B 31 24.23 -12.98 36.94
C ASN B 31 23.99 -12.26 35.61
N TYR B 32 23.12 -11.26 35.55
CA TYR B 32 22.76 -10.63 34.30
C TYR B 32 22.76 -9.11 34.41
N GLY B 33 23.14 -8.46 33.31
CA GLY B 33 22.98 -7.02 33.23
C GLY B 33 21.58 -6.65 32.78
N VAL B 34 21.15 -5.45 33.17
CA VAL B 34 19.82 -4.96 32.83
C VAL B 34 19.98 -3.68 32.03
N HIS B 35 19.40 -3.66 30.83
CA HIS B 35 19.48 -2.55 29.89
C HIS B 35 18.24 -1.67 29.99
N TRP B 36 18.39 -0.43 29.54
CA TRP B 36 17.28 0.50 29.47
C TRP B 36 17.17 1.06 28.06
N VAL B 37 15.96 0.98 27.50
CA VAL B 37 15.66 1.40 26.14
C VAL B 37 14.40 2.25 26.19
N ARG B 38 14.35 3.29 25.37
CA ARG B 38 13.14 4.09 25.27
C ARG B 38 12.68 4.13 23.81
N GLN B 39 11.46 4.62 23.62
CA GLN B 39 10.84 4.64 22.30
C GLN B 39 9.98 5.90 22.24
N SER B 40 10.38 6.83 21.38
CA SER B 40 9.78 8.15 21.32
C SER B 40 9.37 8.47 19.88
N PRO B 41 8.42 9.38 19.69
CA PRO B 41 8.11 9.81 18.31
C PRO B 41 9.29 10.48 17.62
N GLY B 42 10.12 11.20 18.38
CA GLY B 42 11.22 11.93 17.77
C GLY B 42 12.32 11.04 17.23
N LYS B 43 12.65 9.97 17.96
CA LYS B 43 13.83 9.18 17.63
C LYS B 43 13.61 7.68 17.61
N GLY B 44 12.38 7.20 17.77
CA GLY B 44 12.15 5.77 17.74
C GLY B 44 12.84 5.05 18.90
N LEU B 45 13.31 3.84 18.61
CA LEU B 45 14.00 3.03 19.62
C LEU B 45 15.40 3.57 19.87
N GLU B 46 15.76 3.70 21.14
CA GLU B 46 17.00 4.33 21.57
C GLU B 46 17.56 3.55 22.74
N TRP B 47 18.79 3.06 22.62
CA TRP B 47 19.46 2.43 23.74
C TRP B 47 20.02 3.50 24.66
N LEU B 48 19.66 3.44 25.94
CA LEU B 48 20.03 4.47 26.91
C LEU B 48 21.24 4.07 27.76
N GLY B 49 21.23 2.88 28.34
CA GLY B 49 22.34 2.44 29.18
C GLY B 49 22.05 1.08 29.75
N VAL B 50 22.99 0.62 30.59
CA VAL B 50 22.92 -0.71 31.17
C VAL B 50 23.67 -0.69 32.50
N ILE B 51 23.20 -1.48 33.46
CA ILE B 51 23.96 -1.81 34.65
C ILE B 51 24.30 -3.30 34.59
N TRP B 52 25.59 -3.60 34.70
CA TRP B 52 26.06 -4.97 34.56
C TRP B 52 25.92 -5.73 35.87
N SER B 53 26.24 -7.03 35.81
CA SER B 53 26.13 -7.88 36.99
C SER B 53 26.90 -7.33 38.18
N GLY B 54 28.15 -6.89 37.94
CA GLY B 54 29.04 -6.41 38.97
C GLY B 54 28.87 -4.95 39.36
N GLY B 55 27.87 -4.26 38.83
CA GLY B 55 27.56 -2.91 39.24
C GLY B 55 28.08 -1.81 38.34
N ASN B 56 28.95 -2.13 37.38
CA ASN B 56 29.42 -1.11 36.44
C ASN B 56 28.28 -0.66 35.53
N THR B 57 28.37 0.58 35.07
CA THR B 57 27.34 1.16 34.21
C THR B 57 27.98 1.71 32.94
N ASP B 58 27.22 1.64 31.85
CA ASP B 58 27.53 2.36 30.62
C ASP B 58 26.30 3.17 30.24
N TYR B 59 26.52 4.41 29.81
CA TYR B 59 25.45 5.31 29.38
C TYR B 59 25.69 5.75 27.95
N ASN B 60 24.64 5.73 27.13
CA ASN B 60 24.80 6.20 25.76
C ASN B 60 25.20 7.68 25.76
N THR B 61 26.04 8.04 24.79
CA THR B 61 26.76 9.32 24.81
C THR B 61 25.89 10.55 25.10
N PRO B 62 24.73 10.75 24.47
CA PRO B 62 23.94 11.95 24.77
C PRO B 62 23.22 11.93 26.12
N PHE B 63 23.55 10.99 27.00
CA PHE B 63 22.87 10.89 28.30
C PHE B 63 23.83 10.76 29.47
N THR B 64 25.15 10.79 29.24
CA THR B 64 26.12 10.52 30.29
C THR B 64 25.92 11.42 31.51
N SER B 65 25.55 12.69 31.29
CA SER B 65 25.51 13.66 32.38
C SER B 65 24.16 13.77 33.07
N ARG B 66 23.11 13.17 32.54
CA ARG B 66 21.80 13.25 33.19
C ARG B 66 21.18 11.88 33.45
N LEU B 67 21.95 10.81 33.37
CA LEU B 67 21.43 9.47 33.54
C LEU B 67 22.17 8.77 34.67
N SER B 68 21.41 8.05 35.51
CA SER B 68 21.96 7.32 36.64
C SER B 68 21.18 6.01 36.80
N ILE B 69 21.89 4.90 36.77
CA ILE B 69 21.29 3.57 36.95
C ILE B 69 21.87 2.94 38.21
N ASN B 70 21.01 2.45 39.08
CA ASN B 70 21.42 1.76 40.30
C ASN B 70 20.56 0.53 40.48
N LYS B 71 21.00 -0.35 41.38
CA LYS B 71 20.25 -1.59 41.60
C LYS B 71 20.44 -2.06 43.04
N ASP B 72 19.59 -3.01 43.41
CA ASP B 72 19.61 -3.66 44.72
C ASP B 72 19.48 -5.14 44.43
N ASN B 73 20.61 -5.86 44.43
CA ASN B 73 20.60 -7.28 44.10
C ASN B 73 19.64 -8.05 44.99
N SER B 74 19.72 -7.82 46.31
CA SER B 74 18.90 -8.58 47.24
C SER B 74 17.42 -8.44 46.94
N LYS B 75 16.99 -7.25 46.53
CA LYS B 75 15.58 -6.98 46.25
C LYS B 75 15.24 -7.13 44.77
N SER B 76 16.19 -7.55 43.94
CA SER B 76 15.97 -7.76 42.50
C SER B 76 15.39 -6.52 41.83
N GLN B 77 15.86 -5.34 42.26
CA GLN B 77 15.36 -4.07 41.74
C GLN B 77 16.46 -3.33 41.02
N VAL B 78 16.12 -2.75 39.86
CA VAL B 78 16.99 -1.84 39.13
C VAL B 78 16.32 -0.48 39.10
N PHE B 79 17.09 0.58 39.39
CA PHE B 79 16.55 1.93 39.51
C PHE B 79 17.10 2.81 38.40
N PHE B 80 16.19 3.36 37.60
CA PHE B 80 16.51 4.25 36.49
C PHE B 80 16.13 5.67 36.89
N LYS B 81 17.07 6.60 36.76
CA LYS B 81 16.81 8.00 37.08
C LYS B 81 17.45 8.88 36.03
N MET B 82 16.69 9.84 35.51
CA MET B 82 17.16 10.75 34.48
C MET B 82 16.76 12.18 34.85
N ASN B 83 17.69 13.12 34.69
CA ASN B 83 17.52 14.49 35.14
C ASN B 83 17.08 15.40 34.00
N SER B 84 16.51 16.54 34.39
CA SER B 84 16.19 17.66 33.51
C SER B 84 15.52 17.19 32.20
N LEU B 85 14.29 16.69 32.37
CA LEU B 85 13.52 16.22 31.23
C LEU B 85 12.88 17.38 30.50
N GLN B 86 12.84 17.28 29.18
CA GLN B 86 12.11 18.22 28.34
C GLN B 86 11.04 17.47 27.57
N SER B 87 10.34 18.19 26.68
CA SER B 87 9.17 17.60 26.03
C SER B 87 9.54 16.41 25.15
N ASN B 88 10.67 16.49 24.45
CA ASN B 88 11.05 15.38 23.58
C ASN B 88 11.58 14.18 24.35
N ASP B 89 11.62 14.26 25.68
CA ASP B 89 11.88 13.08 26.49
C ASP B 89 10.62 12.32 26.82
N THR B 90 9.48 12.78 26.32
CA THR B 90 8.24 12.01 26.39
C THR B 90 8.39 10.75 25.55
N ALA B 91 8.23 9.59 26.18
CA ALA B 91 8.53 8.32 25.52
C ALA B 91 8.07 7.19 26.43
N ILE B 92 8.11 5.99 25.88
CA ILE B 92 7.88 4.76 26.63
C ILE B 92 9.26 4.18 26.97
N TYR B 93 9.50 3.95 28.25
CA TYR B 93 10.78 3.47 28.75
C TYR B 93 10.66 2.00 29.13
N TYR B 94 11.58 1.18 28.63
CA TYR B 94 11.63 -0.23 28.96
C TYR B 94 12.94 -0.54 29.68
N CYS B 95 12.88 -1.50 30.61
CA CYS B 95 14.06 -2.26 31.01
C CYS B 95 14.06 -3.58 30.25
N ALA B 96 15.26 -4.13 30.03
CA ALA B 96 15.38 -5.30 29.18
C ALA B 96 16.61 -6.10 29.57
N ARG B 97 16.55 -7.41 29.29
CA ARG B 97 17.64 -8.33 29.60
C ARG B 97 17.98 -9.14 28.36
N ALA B 98 19.28 -9.37 28.14
CA ALA B 98 19.76 -10.10 26.98
C ALA B 98 19.75 -11.60 27.22
N LEU B 99 20.01 -12.36 26.16
CA LEU B 99 20.08 -13.81 26.27
C LEU B 99 21.23 -14.25 27.17
N THR B 100 22.41 -13.70 26.95
CA THR B 100 23.60 -14.00 27.74
C THR B 100 24.02 -12.77 28.52
N TYR B 101 24.85 -13.00 29.54
CA TYR B 101 25.14 -11.94 30.50
C TYR B 101 25.85 -10.74 29.88
N TYR B 102 26.58 -10.94 28.78
CA TYR B 102 27.43 -9.91 28.21
C TYR B 102 26.88 -9.25 26.96
N ASP B 103 25.75 -9.73 26.44
CA ASP B 103 25.33 -9.43 25.09
C ASP B 103 24.22 -8.38 25.08
N TYR B 104 23.67 -8.13 23.88
CA TYR B 104 22.72 -7.04 23.67
C TYR B 104 21.50 -7.48 22.86
N GLU B 105 21.26 -8.78 22.72
CA GLU B 105 20.06 -9.27 22.04
C GLU B 105 18.97 -9.42 23.09
N PHE B 106 18.01 -8.51 23.08
CA PHE B 106 17.07 -8.32 24.19
C PHE B 106 15.90 -9.27 24.04
N ALA B 107 15.97 -10.39 24.76
CA ALA B 107 14.94 -11.42 24.69
C ALA B 107 13.83 -11.24 25.71
N TYR B 108 14.03 -10.41 26.72
CA TYR B 108 13.05 -10.20 27.77
C TYR B 108 12.88 -8.71 28.00
N TRP B 109 11.63 -8.24 28.01
CA TRP B 109 11.32 -6.82 28.12
C TRP B 109 10.31 -6.59 29.23
N GLY B 110 10.47 -5.47 29.94
CA GLY B 110 9.40 -4.98 30.78
C GLY B 110 8.23 -4.49 29.95
N GLN B 111 7.09 -4.31 30.63
CA GLN B 111 5.91 -3.90 29.89
C GLN B 111 5.98 -2.45 29.42
N GLY B 112 7.01 -1.72 29.80
CA GLY B 112 7.15 -0.34 29.39
C GLY B 112 6.50 0.62 30.37
N THR B 113 7.05 1.84 30.41
CA THR B 113 6.55 2.89 31.29
C THR B 113 6.41 4.15 30.45
N LEU B 114 5.18 4.58 30.19
CA LEU B 114 4.96 5.77 29.38
C LEU B 114 5.12 7.00 30.27
N VAL B 115 6.10 7.82 29.94
CA VAL B 115 6.42 9.04 30.68
C VAL B 115 6.00 10.22 29.83
N THR B 116 5.21 11.12 30.41
CA THR B 116 4.77 12.32 29.74
C THR B 116 5.42 13.52 30.43
N VAL B 117 6.16 14.31 29.66
CA VAL B 117 6.79 15.53 30.16
C VAL B 117 5.90 16.71 29.78
N SER B 118 5.36 17.39 30.79
CA SER B 118 4.41 18.47 30.56
C SER B 118 4.29 19.26 31.84
N ALA B 119 4.00 20.56 31.70
CA ALA B 119 3.75 21.41 32.86
C ALA B 119 2.34 21.26 33.41
N ALA B 120 1.45 20.57 32.68
CA ALA B 120 0.05 20.51 33.04
C ALA B 120 -0.16 19.70 34.31
N SER B 121 -1.42 19.50 34.66
CA SER B 121 -1.83 18.83 35.88
C SER B 121 -2.49 17.49 35.56
N THR B 122 -2.26 16.52 36.44
CA THR B 122 -2.90 15.22 36.29
C THR B 122 -4.38 15.34 36.60
N LYS B 123 -5.21 14.66 35.78
CA LYS B 123 -6.64 14.64 35.98
C LYS B 123 -7.18 13.26 35.64
N GLY B 124 -7.98 12.71 36.53
CA GLY B 124 -8.62 11.43 36.30
C GLY B 124 -9.81 11.58 35.36
N PRO B 125 -10.19 10.48 34.71
CA PRO B 125 -11.28 10.54 33.75
C PRO B 125 -12.65 10.37 34.40
N SER B 126 -13.68 10.78 33.65
CA SER B 126 -15.06 10.40 33.92
C SER B 126 -15.43 9.27 32.97
N VAL B 127 -16.23 8.33 33.46
CA VAL B 127 -16.62 7.17 32.67
C VAL B 127 -18.13 7.23 32.47
N PHE B 128 -18.56 7.15 31.22
CA PHE B 128 -19.95 7.25 30.85
C PHE B 128 -20.36 6.06 29.98
N PRO B 129 -21.57 5.54 30.17
CA PRO B 129 -22.01 4.37 29.41
C PRO B 129 -22.34 4.74 27.97
N LEU B 130 -22.01 3.81 27.08
CA LEU B 130 -22.56 3.80 25.72
C LEU B 130 -23.53 2.63 25.70
N ALA B 131 -24.80 2.94 25.83
CA ALA B 131 -25.82 1.95 26.18
C ALA B 131 -26.35 1.25 24.93
N PRO B 132 -26.58 -0.06 25.01
CA PRO B 132 -27.23 -0.77 23.90
C PRO B 132 -28.66 -0.27 23.73
N SER B 133 -29.10 -0.18 22.48
CA SER B 133 -30.45 0.25 22.19
C SER B 133 -31.29 -0.91 21.64
N GLY B 139 -29.15 -7.90 13.71
CA GLY B 139 -29.02 -9.34 13.55
C GLY B 139 -28.69 -10.04 14.86
N GLY B 140 -29.34 -9.61 15.94
CA GLY B 140 -29.12 -10.21 17.24
C GLY B 140 -27.79 -9.90 17.90
N THR B 141 -27.01 -8.99 17.33
CA THR B 141 -25.75 -8.54 17.92
C THR B 141 -25.96 -7.12 18.45
N ALA B 142 -25.66 -6.91 19.72
CA ALA B 142 -25.77 -5.60 20.34
C ALA B 142 -24.37 -5.06 20.63
N ALA B 143 -24.19 -3.77 20.37
CA ALA B 143 -22.95 -3.07 20.70
C ALA B 143 -23.14 -2.20 21.93
N LEU B 144 -22.12 -2.16 22.78
CA LEU B 144 -22.15 -1.34 23.98
C LEU B 144 -20.72 -0.98 24.36
N GLY B 145 -20.59 0.03 25.20
CA GLY B 145 -19.24 0.45 25.56
C GLY B 145 -19.23 1.49 26.66
N CYS B 146 -18.04 2.07 26.83
CA CYS B 146 -17.76 3.07 27.84
C CYS B 146 -17.03 4.24 27.21
N LEU B 147 -17.38 5.45 27.63
CA LEU B 147 -16.71 6.66 27.17
C LEU B 147 -15.83 7.16 28.30
N VAL B 148 -14.51 7.12 28.08
CA VAL B 148 -13.53 7.46 29.10
C VAL B 148 -12.97 8.82 28.72
N LYS B 149 -13.40 9.85 29.45
CA LYS B 149 -13.36 11.22 28.95
C LYS B 149 -12.64 12.15 29.92
N ASP B 150 -11.84 13.06 29.36
CA ASP B 150 -11.22 14.18 30.07
C ASP B 150 -10.20 13.76 31.13
N TYR B 151 -9.17 13.02 30.71
CA TYR B 151 -8.09 12.65 31.61
C TYR B 151 -6.76 13.12 31.07
N PHE B 152 -5.78 13.19 31.95
CA PHE B 152 -4.42 13.54 31.58
C PHE B 152 -3.44 13.08 32.66
N PRO B 153 -2.31 12.50 32.25
CA PRO B 153 -1.98 12.20 30.85
C PRO B 153 -2.35 10.78 30.48
N GLU B 154 -1.94 10.33 29.29
CA GLU B 154 -2.02 8.93 28.92
CA GLU B 154 -2.00 8.93 28.91
C GLU B 154 -1.13 8.12 29.87
N PRO B 155 -1.38 6.81 30.02
CA PRO B 155 -2.45 6.00 29.41
C PRO B 155 -3.58 5.73 30.36
N VAL B 156 -4.62 5.10 29.85
CA VAL B 156 -5.67 4.51 30.68
C VAL B 156 -5.85 3.08 30.21
N THR B 157 -5.98 2.16 31.16
CA THR B 157 -6.26 0.77 30.86
C THR B 157 -7.76 0.53 31.00
N VAL B 158 -8.31 -0.27 30.09
CA VAL B 158 -9.72 -0.61 30.10
C VAL B 158 -9.83 -2.10 29.82
N SER B 159 -10.58 -2.80 30.65
CA SER B 159 -10.93 -4.19 30.42
C SER B 159 -12.43 -4.35 30.63
N TRP B 160 -12.94 -5.56 30.40
CA TRP B 160 -14.36 -5.84 30.50
C TRP B 160 -14.58 -7.05 31.39
N ASN B 161 -15.48 -6.91 32.35
CA ASN B 161 -15.83 -7.97 33.31
C ASN B 161 -14.59 -8.58 33.93
N SER B 162 -13.72 -7.71 34.43
CA SER B 162 -12.51 -8.08 35.16
C SER B 162 -11.62 -9.04 34.36
N GLY B 163 -11.58 -8.87 33.05
CA GLY B 163 -10.76 -9.71 32.21
C GLY B 163 -11.46 -10.90 31.58
N ALA B 164 -12.69 -11.21 31.99
CA ALA B 164 -13.38 -12.39 31.49
C ALA B 164 -13.98 -12.19 30.10
N LEU B 165 -14.17 -10.96 29.66
CA LEU B 165 -14.74 -10.68 28.34
C LEU B 165 -13.68 -9.97 27.50
N THR B 166 -13.24 -10.63 26.42
CA THR B 166 -12.19 -10.09 25.56
C THR B 166 -12.59 -10.18 24.09
N SER B 167 -13.45 -11.15 23.75
CA SER B 167 -13.89 -11.30 22.38
C SER B 167 -14.80 -10.14 21.99
N GLY B 168 -14.57 -9.59 20.79
CA GLY B 168 -15.38 -8.50 20.29
C GLY B 168 -15.08 -7.14 20.89
N VAL B 169 -14.01 -7.04 21.70
CA VAL B 169 -13.67 -5.78 22.37
C VAL B 169 -12.77 -4.95 21.47
N HIS B 170 -13.08 -3.66 21.35
CA HIS B 170 -12.20 -2.70 20.73
C HIS B 170 -12.06 -1.51 21.66
N THR B 171 -10.83 -1.19 22.04
CA THR B 171 -10.52 0.02 22.80
C THR B 171 -9.76 0.94 21.86
N PHE B 172 -10.38 2.05 21.50
CA PHE B 172 -9.83 2.94 20.49
C PHE B 172 -8.68 3.75 21.05
N PRO B 173 -7.73 4.15 20.19
CA PRO B 173 -6.66 5.04 20.64
C PRO B 173 -7.23 6.34 21.18
N ALA B 174 -6.61 6.84 22.25
CA ALA B 174 -7.01 8.11 22.82
C ALA B 174 -6.75 9.24 21.82
N VAL B 175 -7.63 10.23 21.85
CA VAL B 175 -7.48 11.43 21.03
C VAL B 175 -7.39 12.63 21.97
N LEU B 176 -6.53 13.57 21.62
CA LEU B 176 -6.36 14.77 22.43
C LEU B 176 -7.40 15.80 22.03
N GLN B 177 -8.20 16.25 23.00
CA GLN B 177 -9.21 17.26 22.77
C GLN B 177 -8.60 18.67 22.79
N SER B 178 -9.39 19.64 22.35
CA SER B 178 -8.91 21.04 22.35
C SER B 178 -8.60 21.50 23.77
N SER B 179 -9.24 20.90 24.76
CA SER B 179 -9.00 21.25 26.15
C SER B 179 -7.62 20.83 26.64
N GLY B 180 -6.89 20.04 25.84
CA GLY B 180 -5.65 19.44 26.32
C GLY B 180 -5.85 18.17 27.10
N LEU B 181 -7.07 17.65 27.17
CA LEU B 181 -7.37 16.42 27.88
C LEU B 181 -7.66 15.31 26.88
N TYR B 182 -7.34 14.09 27.26
CA TYR B 182 -7.58 12.96 26.37
C TYR B 182 -8.98 12.40 26.56
N SER B 183 -9.40 11.61 25.57
CA SER B 183 -10.68 10.93 25.62
C SER B 183 -10.58 9.69 24.74
N LEU B 184 -11.26 8.62 25.15
CA LEU B 184 -11.36 7.42 24.31
C LEU B 184 -12.64 6.69 24.66
N SER B 185 -13.04 5.80 23.75
CA SER B 185 -14.13 4.88 23.98
C SER B 185 -13.64 3.46 23.86
N SER B 186 -14.27 2.57 24.61
CA SER B 186 -14.06 1.13 24.51
C SER B 186 -15.41 0.47 24.23
N VAL B 187 -15.46 -0.36 23.20
CA VAL B 187 -16.70 -0.98 22.77
C VAL B 187 -16.53 -2.48 22.76
N VAL B 188 -17.68 -3.17 22.74
CA VAL B 188 -17.72 -4.62 22.64
C VAL B 188 -19.08 -4.97 22.05
N THR B 189 -19.10 -5.98 21.18
CA THR B 189 -20.33 -6.53 20.65
C THR B 189 -20.63 -7.84 21.35
N VAL B 190 -21.88 -8.01 21.77
CA VAL B 190 -22.33 -9.21 22.46
C VAL B 190 -23.68 -9.63 21.85
N PRO B 191 -24.08 -10.87 22.10
CA PRO B 191 -25.45 -11.27 21.71
C PRO B 191 -26.47 -10.46 22.47
N SER B 192 -27.48 -9.95 21.74
CA SER B 192 -28.50 -9.14 22.39
C SER B 192 -29.33 -9.95 23.37
N SER B 193 -29.41 -11.28 23.20
CA SER B 193 -30.16 -12.09 24.14
C SER B 193 -29.46 -12.24 25.49
N SER B 194 -28.20 -11.82 25.59
CA SER B 194 -27.49 -11.88 26.86
C SER B 194 -27.65 -10.62 27.69
N LEU B 195 -28.30 -9.58 27.14
CA LEU B 195 -28.37 -8.30 27.83
C LEU B 195 -29.23 -8.35 29.08
N GLY B 196 -30.24 -9.22 29.11
CA GLY B 196 -31.06 -9.38 30.28
C GLY B 196 -30.55 -10.41 31.27
N THR B 197 -29.48 -11.11 30.93
CA THR B 197 -28.93 -12.20 31.73
C THR B 197 -27.54 -11.89 32.26
N GLN B 198 -26.67 -11.32 31.44
CA GLN B 198 -25.29 -11.05 31.81
C GLN B 198 -25.12 -9.57 32.18
N THR B 199 -24.24 -9.32 33.14
CA THR B 199 -23.84 -7.97 33.48
C THR B 199 -22.59 -7.59 32.68
N TYR B 200 -22.50 -6.33 32.28
CA TYR B 200 -21.36 -5.85 31.50
C TYR B 200 -20.77 -4.64 32.21
N ILE B 201 -19.49 -4.74 32.53
CA ILE B 201 -18.78 -3.71 33.28
C ILE B 201 -17.46 -3.45 32.58
N CYS B 202 -17.16 -2.18 32.31
CA CYS B 202 -15.83 -1.81 31.87
C CYS B 202 -15.03 -1.41 33.11
N ASN B 203 -13.82 -1.96 33.22
CA ASN B 203 -12.93 -1.66 34.34
C ASN B 203 -11.93 -0.64 33.83
N VAL B 204 -11.99 0.57 34.35
CA VAL B 204 -11.13 1.67 33.93
C VAL B 204 -10.13 1.95 35.04
N ASN B 205 -8.86 2.09 34.68
CA ASN B 205 -7.84 2.48 35.63
C ASN B 205 -6.93 3.50 34.97
N HIS B 206 -6.87 4.68 35.57
CA HIS B 206 -5.96 5.75 35.16
C HIS B 206 -4.91 5.85 36.27
N LYS B 207 -3.82 5.08 36.12
CA LYS B 207 -2.80 5.03 37.15
C LYS B 207 -2.12 6.37 37.44
N PRO B 208 -1.86 7.25 36.47
CA PRO B 208 -1.26 8.55 36.82
C PRO B 208 -2.02 9.34 37.88
N SER B 209 -3.33 9.12 38.02
CA SER B 209 -4.11 9.73 39.08
C SER B 209 -4.67 8.73 40.07
N ASN B 210 -4.34 7.43 39.92
CA ASN B 210 -4.89 6.36 40.75
C ASN B 210 -6.42 6.41 40.81
N THR B 211 -7.03 6.75 39.68
CA THR B 211 -8.48 6.74 39.56
C THR B 211 -8.91 5.40 38.96
N LYS B 212 -9.65 4.62 39.73
CA LYS B 212 -10.12 3.31 39.30
C LYS B 212 -11.64 3.29 39.35
N VAL B 213 -12.27 3.13 38.18
CA VAL B 213 -13.72 3.19 38.06
C VAL B 213 -14.22 1.94 37.35
N ASP B 214 -15.28 1.35 37.87
CA ASP B 214 -15.98 0.24 37.23
C ASP B 214 -17.37 0.72 36.84
N LYS B 215 -17.62 0.81 35.53
CA LYS B 215 -18.87 1.34 35.02
C LYS B 215 -19.75 0.20 34.51
N ARG B 216 -20.91 0.05 35.11
CA ARG B 216 -21.94 -0.87 34.64
C ARG B 216 -22.68 -0.26 33.46
N VAL B 217 -22.80 -1.01 32.37
CA VAL B 217 -23.46 -0.55 31.16
C VAL B 217 -24.67 -1.42 30.90
N GLU B 218 -25.85 -0.80 30.89
CA GLU B 218 -27.14 -1.45 30.75
C GLU B 218 -27.91 -0.82 29.60
N PRO B 219 -28.89 -1.52 29.04
CA PRO B 219 -29.80 -0.88 28.08
C PRO B 219 -30.61 0.21 28.76
N LYS B 220 -30.73 1.36 28.09
CA LYS B 220 -31.44 2.49 28.67
C LYS B 220 -32.95 2.26 28.64
N ASP C 1 17.67 -23.61 -13.30
CA ASP C 1 17.94 -22.19 -13.52
C ASP C 1 18.03 -21.42 -12.20
N ILE C 2 18.62 -20.23 -12.27
CA ILE C 2 18.70 -19.34 -11.12
C ILE C 2 17.35 -18.68 -10.92
N LEU C 3 16.80 -18.81 -9.71
CA LEU C 3 15.62 -18.06 -9.33
C LEU C 3 16.04 -16.70 -8.78
N LEU C 4 15.38 -15.64 -9.23
CA LEU C 4 15.63 -14.28 -8.77
C LEU C 4 14.39 -13.82 -8.02
N THR C 5 14.54 -13.52 -6.74
CA THR C 5 13.45 -13.05 -5.90
C THR C 5 13.60 -11.54 -5.73
N GLN C 6 12.59 -10.78 -6.17
CA GLN C 6 12.57 -9.34 -6.01
C GLN C 6 11.57 -8.96 -4.93
N SER C 7 12.02 -8.15 -3.98
CA SER C 7 11.14 -7.65 -2.94
C SER C 7 11.31 -6.14 -2.77
N PRO C 8 10.23 -5.44 -2.41
CA PRO C 8 8.88 -6.02 -2.33
C PRO C 8 8.21 -6.02 -3.70
N VAL C 9 7.00 -6.57 -3.79
CA VAL C 9 6.27 -6.56 -5.05
C VAL C 9 5.84 -5.14 -5.40
N ILE C 10 5.42 -4.37 -4.40
CA ILE C 10 4.97 -3.00 -4.58
C ILE C 10 5.79 -2.10 -3.67
N LEU C 11 6.34 -1.04 -4.24
CA LEU C 11 7.19 -0.09 -3.51
C LEU C 11 6.56 1.29 -3.62
N SER C 12 6.06 1.80 -2.50
CA SER C 12 5.35 3.07 -2.46
C SER C 12 6.17 4.06 -1.65
N VAL C 13 6.57 5.16 -2.29
CA VAL C 13 7.47 6.14 -1.68
C VAL C 13 7.00 7.54 -2.05
N SER C 14 7.54 8.53 -1.32
CA SER C 14 7.31 9.94 -1.55
C SER C 14 8.39 10.51 -2.46
N PRO C 15 8.11 11.60 -3.17
CA PRO C 15 9.13 12.18 -4.04
C PRO C 15 10.30 12.74 -3.24
N GLY C 16 11.48 12.67 -3.84
CA GLY C 16 12.70 13.08 -3.18
C GLY C 16 13.32 12.06 -2.26
N GLU C 17 12.57 11.03 -1.86
CA GLU C 17 13.13 9.99 -1.02
C GLU C 17 14.16 9.15 -1.78
N ARG C 18 14.95 8.40 -1.03
CA ARG C 18 15.86 7.41 -1.59
C ARG C 18 15.14 6.07 -1.61
N VAL C 19 15.14 5.42 -2.76
CA VAL C 19 14.38 4.19 -2.99
C VAL C 19 15.36 3.05 -3.25
N SER C 20 15.03 1.87 -2.73
CA SER C 20 15.92 0.72 -2.84
C SER C 20 15.13 -0.52 -3.25
N PHE C 21 15.59 -1.18 -4.32
CA PHE C 21 14.98 -2.39 -4.84
C PHE C 21 15.88 -3.58 -4.51
N SER C 22 15.28 -4.63 -3.96
CA SER C 22 16.01 -5.82 -3.58
C SER C 22 15.82 -6.89 -4.64
N CYS C 23 16.93 -7.51 -5.04
CA CYS C 23 16.95 -8.67 -5.92
C CYS C 23 17.86 -9.72 -5.30
N ARG C 24 17.28 -10.86 -4.93
CA ARG C 24 18.01 -11.92 -4.24
C ARG C 24 18.12 -13.11 -5.18
N ALA C 25 19.35 -13.63 -5.32
CA ALA C 25 19.58 -14.78 -6.19
C ALA C 25 19.51 -16.08 -5.39
N SER C 26 19.00 -17.13 -6.04
CA SER C 26 18.89 -18.43 -5.38
C SER C 26 20.24 -19.12 -5.19
N GLN C 27 21.31 -18.57 -5.74
CA GLN C 27 22.67 -19.01 -5.45
C GLN C 27 23.63 -17.91 -5.89
N SER C 28 24.90 -18.05 -5.52
CA SER C 28 25.86 -17.01 -5.79
C SER C 28 26.02 -16.80 -7.30
N ILE C 29 26.15 -15.53 -7.70
CA ILE C 29 26.25 -15.15 -9.11
C ILE C 29 27.29 -14.04 -9.28
N GLY C 30 28.19 -13.90 -8.32
CA GLY C 30 29.22 -12.87 -8.42
C GLY C 30 28.61 -11.48 -8.44
N THR C 31 28.90 -10.71 -9.50
CA THR C 31 28.26 -9.43 -9.74
C THR C 31 27.55 -9.42 -11.10
N ASN C 32 27.13 -10.58 -11.57
CA ASN C 32 26.56 -10.69 -12.92
C ASN C 32 25.05 -10.44 -12.89
N ILE C 33 24.68 -9.22 -12.49
CA ILE C 33 23.28 -8.81 -12.44
C ILE C 33 23.12 -7.53 -13.25
N HIS C 34 21.98 -7.40 -13.92
CA HIS C 34 21.63 -6.21 -14.69
C HIS C 34 20.24 -5.77 -14.29
N TRP C 35 20.00 -4.46 -14.31
CA TRP C 35 18.73 -3.89 -13.90
C TRP C 35 18.06 -3.18 -15.06
N TYR C 36 16.73 -3.23 -15.08
CA TYR C 36 15.94 -2.70 -16.17
C TYR C 36 14.76 -1.92 -15.65
N GLN C 37 14.37 -0.90 -16.41
CA GLN C 37 13.17 -0.11 -16.13
C GLN C 37 12.21 -0.26 -17.29
N GLN C 38 10.94 -0.51 -16.98
CA GLN C 38 9.90 -0.61 -18.00
C GLN C 38 8.77 0.35 -17.65
N ARG C 39 8.58 1.36 -18.49
CA ARG C 39 7.45 2.27 -18.36
C ARG C 39 6.25 1.72 -19.12
N THR C 40 5.11 2.36 -18.91
CA THR C 40 3.87 1.95 -19.56
C THR C 40 3.99 2.03 -21.08
N ASN C 41 3.67 0.93 -21.75
CA ASN C 41 3.78 0.78 -23.21
C ASN C 41 5.22 0.89 -23.71
N GLY C 42 6.20 0.78 -22.84
CA GLY C 42 7.59 0.82 -23.27
C GLY C 42 8.30 -0.51 -23.14
N SER C 43 9.35 -0.70 -23.93
CA SER C 43 10.22 -1.84 -23.79
C SER C 43 11.10 -1.64 -22.58
N PRO C 44 11.61 -2.72 -21.98
CA PRO C 44 12.54 -2.56 -20.85
C PRO C 44 13.76 -1.74 -21.25
N ARG C 45 14.28 -0.97 -20.30
CA ARG C 45 15.42 -0.10 -20.57
C ARG C 45 16.53 -0.41 -19.57
N LEU C 46 17.73 -0.63 -20.08
CA LEU C 46 18.88 -0.98 -19.25
C LEU C 46 19.30 0.23 -18.41
N LEU C 47 19.44 0.01 -17.10
CA LEU C 47 19.87 1.04 -16.17
C LEU C 47 21.27 0.81 -15.63
N ILE C 48 21.55 -0.42 -15.18
CA ILE C 48 22.80 -0.78 -14.53
C ILE C 48 23.22 -2.13 -15.08
N LYS C 49 24.52 -2.28 -15.34
CA LYS C 49 25.08 -3.55 -15.77
C LYS C 49 26.16 -3.99 -14.78
N TYR C 50 26.22 -5.30 -14.54
CA TYR C 50 27.19 -5.90 -13.64
C TYR C 50 27.16 -5.25 -12.25
N ALA C 51 25.95 -5.19 -11.69
CA ALA C 51 25.69 -4.75 -10.32
C ALA C 51 25.77 -3.24 -10.12
N SER C 52 26.84 -2.61 -10.62
CA SER C 52 27.13 -1.23 -10.23
C SER C 52 27.54 -0.30 -11.36
N GLU C 53 27.73 -0.79 -12.58
CA GLU C 53 28.29 0.02 -13.66
C GLU C 53 27.19 0.78 -14.39
N SER C 54 27.48 2.03 -14.72
CA SER C 54 26.48 2.93 -15.27
C SER C 54 26.35 2.75 -16.79
N ILE C 55 25.23 3.24 -17.31
CA ILE C 55 24.89 3.13 -18.72
C ILE C 55 24.77 4.53 -19.30
N SER C 56 25.26 4.71 -20.52
CA SER C 56 25.21 6.01 -21.16
C SER C 56 23.76 6.48 -21.28
N GLY C 57 23.51 7.72 -20.85
CA GLY C 57 22.20 8.31 -20.97
C GLY C 57 21.27 8.08 -19.80
N ILE C 58 21.68 7.32 -18.79
CA ILE C 58 20.85 7.05 -17.62
C ILE C 58 21.13 8.10 -16.56
N PRO C 59 20.11 8.69 -15.93
CA PRO C 59 20.36 9.75 -14.95
C PRO C 59 21.27 9.29 -13.82
N SER C 60 22.04 10.25 -13.28
CA SER C 60 23.02 9.94 -12.25
C SER C 60 22.38 9.42 -10.97
N ARG C 61 21.09 9.68 -10.78
CA ARG C 61 20.44 9.27 -9.53
C ARG C 61 20.23 7.77 -9.45
N PHE C 62 20.40 7.04 -10.55
CA PHE C 62 20.32 5.58 -10.54
C PHE C 62 21.69 5.00 -10.20
N SER C 63 21.71 4.07 -9.26
CA SER C 63 22.94 3.33 -8.95
C SER C 63 22.55 1.94 -8.47
N GLY C 64 23.56 1.06 -8.43
CA GLY C 64 23.36 -0.29 -7.94
C GLY C 64 24.57 -0.78 -7.19
N SER C 65 24.35 -1.79 -6.36
CA SER C 65 25.42 -2.38 -5.57
C SER C 65 25.05 -3.81 -5.22
N GLY C 66 26.04 -4.55 -4.74
CA GLY C 66 25.84 -5.92 -4.30
C GLY C 66 26.78 -6.92 -4.93
N SER C 67 26.90 -8.10 -4.30
CA SER C 67 27.69 -9.19 -4.85
C SER C 67 27.25 -10.48 -4.15
N GLY C 68 27.47 -11.59 -4.84
CA GLY C 68 27.06 -12.88 -4.31
C GLY C 68 25.62 -13.20 -4.59
N THR C 69 24.73 -12.90 -3.65
CA THR C 69 23.30 -13.18 -3.82
C THR C 69 22.39 -11.99 -3.56
N ASP C 70 22.85 -10.95 -2.88
CA ASP C 70 22.01 -9.81 -2.49
C ASP C 70 22.42 -8.59 -3.31
N PHE C 71 21.48 -8.04 -4.07
CA PHE C 71 21.75 -6.90 -4.94
C PHE C 71 20.70 -5.82 -4.71
N THR C 72 21.06 -4.59 -5.07
CA THR C 72 20.26 -3.42 -4.73
C THR C 72 20.30 -2.43 -5.87
N LEU C 73 19.13 -2.05 -6.39
CA LEU C 73 19.00 -0.90 -7.28
C LEU C 73 18.55 0.28 -6.43
N SER C 74 19.22 1.42 -6.61
CA SER C 74 18.99 2.58 -5.76
CA SER C 74 19.00 2.58 -5.76
C SER C 74 18.69 3.81 -6.59
N ILE C 75 17.78 4.65 -6.07
CA ILE C 75 17.43 5.93 -6.66
C ILE C 75 17.53 6.94 -5.52
N ASN C 76 18.53 7.83 -5.58
CA ASN C 76 18.84 8.64 -4.41
C ASN C 76 17.75 9.67 -4.12
N SER C 77 17.05 10.15 -5.15
CA SER C 77 15.97 11.13 -4.98
C SER C 77 14.94 10.86 -6.08
N VAL C 78 13.92 10.07 -5.74
CA VAL C 78 12.99 9.59 -6.75
C VAL C 78 12.14 10.75 -7.27
N GLU C 79 11.90 10.74 -8.58
CA GLU C 79 11.04 11.70 -9.25
C GLU C 79 9.79 11.01 -9.78
N SER C 80 8.77 11.81 -10.07
CA SER C 80 7.55 11.26 -10.62
C SER C 80 7.76 10.61 -11.98
N GLU C 81 8.82 11.02 -12.69
CA GLU C 81 9.19 10.37 -13.94
C GLU C 81 9.63 8.93 -13.75
N ASP C 82 10.08 8.57 -12.54
CA ASP C 82 10.60 7.24 -12.26
C ASP C 82 9.52 6.19 -12.04
N ILE C 83 8.24 6.58 -12.08
CA ILE C 83 7.15 5.62 -11.94
C ILE C 83 7.25 4.60 -13.06
N ALA C 84 7.43 3.33 -12.68
CA ALA C 84 7.65 2.23 -13.62
C ALA C 84 7.83 0.92 -12.87
N ASP C 85 8.02 -0.17 -13.60
CA ASP C 85 8.41 -1.45 -13.02
C ASP C 85 9.91 -1.65 -13.23
N TYR C 86 10.53 -2.41 -12.32
CA TYR C 86 11.97 -2.55 -12.26
C TYR C 86 12.34 -4.01 -12.12
N TYR C 87 13.15 -4.51 -13.06
CA TYR C 87 13.50 -5.93 -13.15
C TYR C 87 14.99 -6.13 -12.99
N CYS C 88 15.40 -7.23 -12.37
CA CYS C 88 16.80 -7.62 -12.45
C CYS C 88 16.94 -8.87 -13.29
N GLN C 89 18.16 -9.12 -13.76
CA GLN C 89 18.49 -10.19 -14.67
C GLN C 89 19.87 -10.68 -14.29
N GLN C 90 20.02 -11.99 -14.14
CA GLN C 90 21.30 -12.62 -13.88
C GLN C 90 21.81 -13.29 -15.15
N ASN C 91 23.12 -13.31 -15.31
CA ASN C 91 23.74 -14.06 -16.40
C ASN C 91 25.07 -14.65 -15.95
N ASN C 92 25.12 -15.14 -14.71
CA ASN C 92 26.24 -15.98 -14.31
C ASN C 92 26.04 -17.43 -14.74
N ASN C 93 24.79 -17.86 -14.94
CA ASN C 93 24.48 -19.24 -15.29
C ASN C 93 23.49 -19.27 -16.45
N TRP C 94 23.77 -20.11 -17.43
CA TRP C 94 22.88 -20.28 -18.56
C TRP C 94 21.66 -21.09 -18.10
N PRO C 95 20.45 -20.68 -18.54
CA PRO C 95 20.20 -19.48 -19.36
C PRO C 95 20.04 -18.23 -18.50
N THR C 96 20.21 -17.06 -19.11
CA THR C 96 19.95 -15.82 -18.40
C THR C 96 18.48 -15.78 -17.97
N THR C 97 18.25 -15.29 -16.75
CA THR C 97 16.90 -15.27 -16.21
C THR C 97 16.61 -13.93 -15.58
N PHE C 98 15.33 -13.64 -15.41
CA PHE C 98 14.85 -12.37 -14.86
C PHE C 98 14.07 -12.60 -13.59
N GLY C 99 14.01 -11.57 -12.75
CA GLY C 99 13.12 -11.55 -11.60
C GLY C 99 11.70 -11.19 -12.01
N ALA C 100 10.80 -11.25 -11.02
CA ALA C 100 9.40 -10.96 -11.30
C ALA C 100 9.09 -9.47 -11.29
N GLY C 101 10.00 -8.63 -10.80
CA GLY C 101 9.84 -7.20 -10.90
C GLY C 101 9.26 -6.58 -9.64
N THR C 102 9.43 -5.27 -9.54
CA THR C 102 8.88 -4.45 -8.47
C THR C 102 8.25 -3.22 -9.10
N LYS C 103 7.03 -2.90 -8.71
CA LYS C 103 6.33 -1.71 -9.16
C LYS C 103 6.67 -0.55 -8.24
N LEU C 104 6.99 0.59 -8.83
CA LEU C 104 7.26 1.82 -8.08
C LEU C 104 6.10 2.77 -8.26
N GLU C 105 5.44 3.13 -7.17
CA GLU C 105 4.38 4.12 -7.17
C GLU C 105 4.76 5.24 -6.21
N LEU C 106 4.40 6.46 -6.58
CA LEU C 106 4.72 7.63 -5.79
C LEU C 106 3.49 8.14 -5.04
N LYS C 107 3.70 8.55 -3.80
CA LYS C 107 2.64 9.16 -3.01
C LYS C 107 2.54 10.65 -3.34
N ARG C 108 1.34 11.20 -3.19
CA ARG C 108 1.11 12.61 -3.43
C ARG C 108 -0.12 13.03 -2.63
N THR C 109 -0.43 14.32 -2.69
CA THR C 109 -1.59 14.82 -1.96
C THR C 109 -2.88 14.29 -2.57
N VAL C 110 -3.90 14.15 -1.72
CA VAL C 110 -5.22 13.76 -2.18
C VAL C 110 -5.71 14.75 -3.23
N ALA C 111 -6.28 14.22 -4.32
CA ALA C 111 -6.79 15.03 -5.40
C ALA C 111 -8.15 14.47 -5.81
N ALA C 112 -9.19 15.29 -5.70
CA ALA C 112 -10.51 14.85 -6.09
C ALA C 112 -10.59 14.69 -7.60
N PRO C 113 -11.40 13.76 -8.10
CA PRO C 113 -11.55 13.60 -9.54
C PRO C 113 -12.48 14.64 -10.12
N SER C 114 -12.21 15.01 -11.37
CA SER C 114 -13.14 15.77 -12.17
C SER C 114 -13.97 14.79 -13.00
N VAL C 115 -15.29 14.91 -12.91
CA VAL C 115 -16.19 13.92 -13.46
C VAL C 115 -16.87 14.47 -14.71
N PHE C 116 -17.00 13.62 -15.72
CA PHE C 116 -17.69 13.97 -16.95
C PHE C 116 -18.49 12.76 -17.43
N ILE C 117 -19.70 13.02 -17.93
CA ILE C 117 -20.56 11.97 -18.47
C ILE C 117 -20.74 12.23 -19.96
N PHE C 118 -20.87 11.15 -20.73
CA PHE C 118 -20.96 11.22 -22.19
C PHE C 118 -22.14 10.38 -22.63
N PRO C 119 -23.14 10.95 -23.29
CA PRO C 119 -24.23 10.14 -23.84
C PRO C 119 -23.73 9.29 -24.99
N PRO C 120 -24.43 8.22 -25.34
CA PRO C 120 -24.07 7.49 -26.55
C PRO C 120 -24.29 8.35 -27.78
N SER C 121 -23.48 8.10 -28.81
CA SER C 121 -23.62 8.80 -30.06
C SER C 121 -24.78 8.21 -30.87
N ASP C 122 -25.34 9.04 -31.75
CA ASP C 122 -26.37 8.56 -32.65
C ASP C 122 -25.86 7.44 -33.56
N GLU C 123 -24.59 7.52 -33.99
CA GLU C 123 -24.08 6.49 -34.89
CA GLU C 123 -24.04 6.49 -34.87
C GLU C 123 -24.07 5.12 -34.21
N GLN C 124 -23.70 5.06 -32.93
CA GLN C 124 -23.65 3.77 -32.24
C GLN C 124 -25.04 3.15 -32.10
N LEU C 125 -26.08 3.97 -31.87
CA LEU C 125 -27.41 3.43 -31.64
C LEU C 125 -27.92 2.64 -32.83
N LYS C 126 -27.50 3.01 -34.06
CA LYS C 126 -27.85 2.23 -35.24
C LYS C 126 -27.46 0.77 -35.09
N SER C 127 -26.44 0.49 -34.28
CA SER C 127 -25.99 -0.88 -34.06
C SER C 127 -26.86 -1.64 -33.07
N GLY C 128 -27.79 -0.96 -32.39
CA GLY C 128 -28.61 -1.61 -31.39
C GLY C 128 -28.03 -1.64 -30.00
N THR C 129 -26.96 -0.88 -29.75
CA THR C 129 -26.29 -0.84 -28.47
C THR C 129 -25.96 0.60 -28.12
N ALA C 130 -26.07 0.94 -26.84
CA ALA C 130 -25.74 2.27 -26.34
C ALA C 130 -24.65 2.14 -25.27
N SER C 131 -23.54 2.84 -25.46
CA SER C 131 -22.50 2.93 -24.45
C SER C 131 -22.59 4.30 -23.78
N VAL C 132 -22.70 4.31 -22.46
CA VAL C 132 -22.68 5.53 -21.66
C VAL C 132 -21.41 5.52 -20.84
N VAL C 133 -20.62 6.58 -20.94
CA VAL C 133 -19.27 6.63 -20.40
C VAL C 133 -19.18 7.73 -19.36
N CYS C 134 -18.57 7.41 -18.23
CA CYS C 134 -18.32 8.36 -17.15
C CYS C 134 -16.82 8.42 -16.95
N LEU C 135 -16.27 9.64 -16.95
CA LEU C 135 -14.83 9.87 -16.83
C LEU C 135 -14.51 10.49 -15.49
N LEU C 136 -13.58 9.87 -14.76
CA LEU C 136 -13.01 10.41 -13.52
C LEU C 136 -11.56 10.76 -13.81
N ASN C 137 -11.23 12.04 -13.81
CA ASN C 137 -9.94 12.51 -14.34
C ASN C 137 -9.03 12.99 -13.21
N ASN C 138 -7.76 12.57 -13.28
CA ASN C 138 -6.64 13.13 -12.51
C ASN C 138 -6.94 13.18 -11.01
N PHE C 139 -7.04 12.00 -10.41
CA PHE C 139 -7.36 11.90 -8.98
C PHE C 139 -6.35 11.02 -8.25
N TYR C 140 -6.30 11.21 -6.94
CA TYR C 140 -5.46 10.41 -6.08
C TYR C 140 -6.11 10.40 -4.69
N PRO C 141 -6.12 9.23 -4.01
CA PRO C 141 -5.55 7.95 -4.46
C PRO C 141 -6.44 7.21 -5.46
N ARG C 142 -6.01 5.98 -5.78
CA ARG C 142 -6.58 5.23 -6.89
C ARG C 142 -7.99 4.73 -6.60
N GLU C 143 -8.30 4.44 -5.34
CA GLU C 143 -9.60 3.86 -5.00
C GLU C 143 -10.71 4.88 -5.23
N ALA C 144 -11.71 4.48 -6.00
CA ALA C 144 -12.88 5.30 -6.29
C ALA C 144 -14.05 4.40 -6.62
N LYS C 145 -15.25 4.92 -6.43
CA LYS C 145 -16.47 4.16 -6.70
C LYS C 145 -17.36 4.93 -7.65
N VAL C 146 -17.81 4.26 -8.71
CA VAL C 146 -18.76 4.80 -9.67
C VAL C 146 -20.04 3.98 -9.61
N GLN C 147 -21.17 4.65 -9.44
CA GLN C 147 -22.46 4.00 -9.50
C GLN C 147 -23.29 4.63 -10.60
N TRP C 148 -23.91 3.78 -11.42
CA TRP C 148 -24.76 4.21 -12.52
C TRP C 148 -26.23 4.10 -12.10
N LYS C 149 -26.99 5.16 -12.33
CA LYS C 149 -28.42 5.15 -12.10
C LYS C 149 -29.15 5.58 -13.36
N VAL C 150 -30.16 4.80 -13.74
CA VAL C 150 -30.99 5.07 -14.91
C VAL C 150 -32.42 5.21 -14.41
N ASP C 151 -32.99 6.41 -14.56
CA ASP C 151 -34.29 6.75 -13.95
C ASP C 151 -34.30 6.34 -12.49
N ASN C 152 -33.18 6.58 -11.81
CA ASN C 152 -32.97 6.35 -10.39
C ASN C 152 -32.85 4.88 -10.01
N ALA C 153 -32.77 3.98 -10.99
CA ALA C 153 -32.53 2.57 -10.69
C ALA C 153 -31.03 2.28 -10.73
N LEU C 154 -30.52 1.72 -9.64
CA LEU C 154 -29.10 1.39 -9.56
C LEU C 154 -28.76 0.24 -10.50
N GLN C 155 -27.79 0.45 -11.37
CA GLN C 155 -27.38 -0.53 -12.36
C GLN C 155 -26.31 -1.45 -11.79
N SER C 156 -26.49 -2.76 -12.02
CA SER C 156 -25.53 -3.75 -11.55
C SER C 156 -25.27 -4.76 -12.66
N GLY C 157 -24.00 -4.99 -12.96
CA GLY C 157 -23.60 -6.03 -13.89
C GLY C 157 -23.48 -5.61 -15.34
N ASN C 158 -23.79 -4.37 -15.68
CA ASN C 158 -23.70 -3.91 -17.06
C ASN C 158 -22.74 -2.73 -17.21
N SER C 159 -21.72 -2.66 -16.35
CA SER C 159 -20.70 -1.63 -16.44
C SER C 159 -19.32 -2.25 -16.26
N GLN C 160 -18.33 -1.63 -16.89
CA GLN C 160 -16.94 -2.06 -16.80
C GLN C 160 -16.04 -0.83 -16.60
N GLU C 161 -15.06 -0.97 -15.71
CA GLU C 161 -14.13 0.08 -15.38
C GLU C 161 -12.76 -0.19 -15.97
N SER C 162 -12.03 0.89 -16.24
CA SER C 162 -10.64 0.83 -16.65
C SER C 162 -9.91 2.01 -16.01
N VAL C 163 -8.67 1.77 -15.58
CA VAL C 163 -7.90 2.73 -14.79
C VAL C 163 -6.51 2.83 -15.38
N THR C 164 -6.05 4.05 -15.61
CA THR C 164 -4.69 4.24 -16.11
C THR C 164 -3.68 3.96 -15.01
N GLU C 165 -2.43 3.80 -15.41
CA GLU C 165 -1.33 3.80 -14.44
C GLU C 165 -1.04 5.23 -14.00
N GLN C 166 -0.25 5.35 -12.94
CA GLN C 166 0.06 6.66 -12.38
C GLN C 166 0.73 7.53 -13.43
N ASP C 167 0.22 8.75 -13.58
CA ASP C 167 0.75 9.67 -14.58
C ASP C 167 2.15 10.12 -14.19
N SER C 168 3.09 10.00 -15.13
CA SER C 168 4.48 10.28 -14.81
C SER C 168 4.75 11.75 -14.50
N LYS C 169 3.78 12.63 -14.71
CA LYS C 169 3.95 14.06 -14.44
C LYS C 169 3.37 14.47 -13.09
N ASP C 170 2.07 14.25 -12.87
CA ASP C 170 1.41 14.69 -11.64
C ASP C 170 1.03 13.55 -10.71
N SER C 171 1.34 12.30 -11.06
CA SER C 171 1.16 11.14 -10.18
C SER C 171 -0.32 10.84 -9.90
N THR C 172 -1.22 11.22 -10.78
CA THR C 172 -2.64 10.92 -10.61
C THR C 172 -3.05 9.69 -11.41
N TYR C 173 -4.28 9.26 -11.16
CA TYR C 173 -4.95 8.22 -11.92
C TYR C 173 -6.13 8.82 -12.66
N SER C 174 -6.53 8.16 -13.73
CA SER C 174 -7.80 8.44 -14.38
C SER C 174 -8.55 7.14 -14.62
N LEU C 175 -9.87 7.23 -14.61
CA LEU C 175 -10.73 6.06 -14.69
C LEU C 175 -11.88 6.36 -15.65
N SER C 176 -12.29 5.33 -16.39
CA SER C 176 -13.47 5.40 -17.25
C SER C 176 -14.38 4.23 -16.90
N SER C 177 -15.63 4.53 -16.59
CA SER C 177 -16.67 3.52 -16.43
C SER C 177 -17.58 3.57 -17.66
N THR C 178 -17.89 2.40 -18.21
CA THR C 178 -18.71 2.30 -19.40
C THR C 178 -19.95 1.47 -19.08
N LEU C 179 -21.12 2.09 -19.20
CA LEU C 179 -22.42 1.43 -19.06
C LEU C 179 -22.90 0.99 -20.44
N THR C 180 -23.24 -0.29 -20.56
CA THR C 180 -23.67 -0.86 -21.83
C THR C 180 -25.12 -1.31 -21.74
N LEU C 181 -25.93 -0.79 -22.65
CA LEU C 181 -27.37 -1.02 -22.67
C LEU C 181 -27.79 -1.35 -24.10
N SER C 182 -28.86 -2.13 -24.21
CA SER C 182 -29.51 -2.27 -25.50
C SER C 182 -30.12 -0.94 -25.91
N LYS C 183 -30.25 -0.72 -27.22
CA LYS C 183 -30.93 0.48 -27.68
C LYS C 183 -32.35 0.54 -27.14
N ALA C 184 -33.06 -0.59 -27.14
CA ALA C 184 -34.40 -0.65 -26.58
C ALA C 184 -34.42 -0.18 -25.13
N ASP C 185 -33.52 -0.71 -24.29
CA ASP C 185 -33.46 -0.26 -22.91
C ASP C 185 -33.13 1.22 -22.82
N TYR C 186 -32.21 1.69 -23.66
CA TYR C 186 -31.81 3.09 -23.60
C TYR C 186 -32.96 4.02 -23.96
N GLU C 187 -33.74 3.66 -24.98
CA GLU C 187 -34.86 4.51 -25.40
C GLU C 187 -35.98 4.51 -24.37
N LYS C 188 -36.02 3.53 -23.47
CA LYS C 188 -37.11 3.38 -22.52
C LYS C 188 -36.98 4.29 -21.31
N HIS C 189 -35.84 4.95 -21.12
CA HIS C 189 -35.55 5.70 -19.91
C HIS C 189 -34.99 7.07 -20.25
N LYS C 190 -34.91 7.93 -19.22
CA LYS C 190 -34.69 9.35 -19.44
C LYS C 190 -33.46 9.90 -18.73
N VAL C 191 -33.30 9.66 -17.43
CA VAL C 191 -32.25 10.30 -16.65
C VAL C 191 -31.09 9.32 -16.46
N TYR C 192 -29.94 9.66 -16.99
CA TYR C 192 -28.73 8.84 -16.90
C TYR C 192 -27.71 9.57 -16.04
N ALA C 193 -27.24 8.91 -14.99
CA ALA C 193 -26.38 9.53 -14.00
C ALA C 193 -25.27 8.58 -13.58
N CYS C 194 -24.07 9.11 -13.40
CA CYS C 194 -23.02 8.42 -12.68
C CYS C 194 -22.67 9.23 -11.44
N GLU C 195 -22.74 8.57 -10.29
CA GLU C 195 -22.40 9.18 -9.01
C GLU C 195 -21.03 8.68 -8.60
N VAL C 196 -20.15 9.59 -8.22
CA VAL C 196 -18.76 9.28 -7.92
C VAL C 196 -18.51 9.54 -6.45
N THR C 197 -17.89 8.56 -5.79
CA THR C 197 -17.46 8.67 -4.40
C THR C 197 -15.93 8.50 -4.36
N HIS C 198 -15.26 9.43 -3.69
CA HIS C 198 -13.80 9.38 -3.62
C HIS C 198 -13.33 10.05 -2.34
N GLN C 199 -12.21 9.56 -1.79
CA GLN C 199 -11.66 10.11 -0.57
C GLN C 199 -11.47 11.63 -0.63
N GLY C 200 -11.14 12.15 -1.81
CA GLY C 200 -11.01 13.59 -1.95
C GLY C 200 -12.29 14.37 -2.12
N LEU C 201 -13.45 13.72 -1.99
CA LEU C 201 -14.73 14.41 -2.09
C LEU C 201 -15.44 14.32 -0.75
N SER C 202 -15.77 15.47 -0.17
CA SER C 202 -16.52 15.49 1.09
C SER C 202 -17.92 14.90 0.90
N SER C 203 -18.54 15.18 -0.24
CA SER C 203 -19.83 14.66 -0.65
C SER C 203 -19.73 14.10 -2.05
N PRO C 204 -20.52 13.07 -2.39
CA PRO C 204 -20.42 12.47 -3.72
C PRO C 204 -20.84 13.42 -4.83
N VAL C 205 -20.21 13.26 -6.00
CA VAL C 205 -20.47 14.11 -7.16
C VAL C 205 -21.30 13.33 -8.17
N THR C 206 -22.35 13.96 -8.68
CA THR C 206 -23.23 13.35 -9.67
C THR C 206 -23.22 14.18 -10.94
N LYS C 207 -22.96 13.52 -12.07
CA LYS C 207 -23.06 14.11 -13.39
C LYS C 207 -24.11 13.34 -14.17
N SER C 208 -24.95 14.05 -14.92
CA SER C 208 -26.09 13.38 -15.53
C SER C 208 -26.52 14.12 -16.79
N PHE C 209 -27.28 13.41 -17.63
CA PHE C 209 -27.94 14.00 -18.78
C PHE C 209 -29.32 13.36 -18.92
N ASN C 210 -30.17 14.01 -19.72
CA ASN C 210 -31.47 13.50 -20.10
C ASN C 210 -31.42 13.10 -21.57
N ARG C 211 -31.76 11.85 -21.87
CA ARG C 211 -31.85 11.41 -23.26
C ARG C 211 -32.85 12.30 -24.00
N GLY C 212 -32.43 12.82 -25.15
CA GLY C 212 -33.30 13.67 -25.94
C GLY C 212 -32.96 15.15 -25.84
N ALA C 213 -32.63 15.62 -24.64
CA ALA C 213 -32.36 17.05 -24.45
C ALA C 213 -30.91 17.38 -24.78
N GLN D 1 22.84 5.53 -34.85
CA GLN D 1 21.50 5.36 -34.27
C GLN D 1 21.08 3.90 -34.32
N VAL D 2 21.35 3.17 -33.24
CA VAL D 2 21.04 1.74 -33.17
C VAL D 2 19.55 1.57 -32.93
N GLN D 3 18.89 0.82 -33.83
CA GLN D 3 17.45 0.63 -33.76
C GLN D 3 17.08 -0.78 -34.18
N LEU D 4 16.04 -1.32 -33.54
CA LEU D 4 15.42 -2.58 -33.92
C LEU D 4 13.92 -2.35 -34.05
N LYS D 5 13.37 -2.73 -35.20
CA LYS D 5 11.95 -2.55 -35.50
C LYS D 5 11.35 -3.87 -35.91
N GLN D 6 10.23 -4.23 -35.30
CA GLN D 6 9.62 -5.54 -35.44
C GLN D 6 8.33 -5.46 -36.25
N SER D 7 8.02 -6.56 -36.92
CA SER D 7 6.77 -6.65 -37.67
C SER D 7 5.57 -6.57 -36.72
N GLY D 8 4.41 -6.27 -37.30
CA GLY D 8 3.24 -5.89 -36.52
C GLY D 8 2.63 -6.98 -35.68
N PRO D 9 1.75 -6.60 -34.77
CA PRO D 9 1.05 -7.59 -33.94
C PRO D 9 0.01 -8.33 -34.76
N GLY D 10 -0.39 -9.50 -34.25
CA GLY D 10 -1.36 -10.27 -34.99
C GLY D 10 -1.88 -11.44 -34.19
N LEU D 11 -2.78 -12.17 -34.85
CA LEU D 11 -3.49 -13.30 -34.28
C LEU D 11 -2.93 -14.60 -34.87
N VAL D 12 -2.78 -15.62 -34.04
CA VAL D 12 -2.28 -16.92 -34.46
C VAL D 12 -3.22 -17.99 -33.93
N GLN D 13 -3.67 -18.87 -34.81
CA GLN D 13 -4.56 -19.95 -34.39
C GLN D 13 -3.79 -20.96 -33.54
N PRO D 14 -4.46 -21.56 -32.55
CA PRO D 14 -3.79 -22.58 -31.72
C PRO D 14 -3.18 -23.67 -32.57
N SER D 15 -2.02 -24.16 -32.14
CA SER D 15 -1.20 -25.19 -32.78
C SER D 15 -0.58 -24.72 -34.08
N GLN D 16 -0.85 -23.50 -34.55
CA GLN D 16 -0.24 -22.99 -35.76
C GLN D 16 1.06 -22.25 -35.44
N SER D 17 1.67 -21.68 -36.47
CA SER D 17 3.01 -21.13 -36.37
C SER D 17 3.00 -19.63 -36.09
N LEU D 18 4.11 -19.13 -35.57
CA LEU D 18 4.31 -17.71 -35.28
C LEU D 18 5.58 -17.24 -35.99
N SER D 19 5.46 -16.12 -36.72
CA SER D 19 6.60 -15.57 -37.44
C SER D 19 6.70 -14.07 -37.19
N ILE D 20 7.89 -13.62 -36.82
CA ILE D 20 8.17 -12.21 -36.56
C ILE D 20 9.49 -11.85 -37.24
N THR D 21 9.52 -10.67 -37.85
CA THR D 21 10.74 -10.15 -38.48
C THR D 21 11.28 -9.01 -37.64
N CYS D 22 12.59 -9.04 -37.37
CA CYS D 22 13.29 -7.97 -36.68
C CYS D 22 14.27 -7.34 -37.66
N THR D 23 14.04 -6.06 -37.98
CA THR D 23 14.86 -5.31 -38.91
C THR D 23 15.73 -4.36 -38.10
N VAL D 24 17.05 -4.43 -38.30
CA VAL D 24 17.99 -3.66 -37.51
C VAL D 24 18.65 -2.60 -38.38
N SER D 25 19.14 -1.55 -37.73
CA SER D 25 19.88 -0.49 -38.39
C SER D 25 20.78 0.18 -37.36
N GLY D 26 21.85 0.82 -37.86
CA GLY D 26 22.85 1.41 -36.99
C GLY D 26 23.94 0.45 -36.56
N PHE D 27 23.90 -0.79 -37.06
CA PHE D 27 24.91 -1.80 -36.79
C PHE D 27 24.66 -2.96 -37.73
N SER D 28 25.64 -3.83 -37.86
CA SER D 28 25.57 -4.94 -38.81
C SER D 28 25.35 -6.26 -38.07
N LEU D 29 24.46 -7.09 -38.62
CA LEU D 29 24.23 -8.41 -38.05
C LEU D 29 25.49 -9.27 -38.07
N THR D 30 26.46 -8.92 -38.90
CA THR D 30 27.74 -9.64 -38.90
C THR D 30 28.56 -9.37 -37.65
N ASN D 31 28.22 -8.33 -36.87
CA ASN D 31 29.03 -7.95 -35.73
C ASN D 31 28.35 -8.15 -34.38
N TYR D 32 27.05 -8.48 -34.37
CA TYR D 32 26.32 -8.59 -33.12
C TYR D 32 25.28 -9.70 -33.23
N GLY D 33 25.12 -10.46 -32.16
CA GLY D 33 24.00 -11.37 -32.07
C GLY D 33 22.71 -10.62 -31.76
N VAL D 34 21.60 -11.19 -32.20
CA VAL D 34 20.28 -10.68 -31.86
C VAL D 34 19.57 -11.72 -31.01
N HIS D 35 19.08 -11.28 -29.85
CA HIS D 35 18.37 -12.14 -28.91
C HIS D 35 16.87 -11.95 -29.07
N TRP D 36 16.12 -12.86 -28.48
CA TRP D 36 14.66 -12.79 -28.48
C TRP D 36 14.15 -13.07 -27.08
N VAL D 37 13.38 -12.11 -26.55
CA VAL D 37 12.81 -12.16 -25.22
C VAL D 37 11.31 -11.95 -25.37
N ARG D 38 10.53 -12.64 -24.54
CA ARG D 38 9.10 -12.42 -24.47
C ARG D 38 8.69 -12.13 -23.04
N GLN D 39 7.55 -11.45 -22.90
CA GLN D 39 6.99 -11.12 -21.60
C GLN D 39 5.53 -11.51 -21.59
N SER D 40 5.15 -12.42 -20.69
CA SER D 40 3.84 -13.01 -20.64
C SER D 40 3.27 -12.92 -19.23
N PRO D 41 1.95 -13.05 -19.09
CA PRO D 41 1.36 -13.12 -17.73
C PRO D 41 1.84 -14.32 -16.93
N GLY D 42 2.12 -15.44 -17.58
CA GLY D 42 2.50 -16.63 -16.84
C GLY D 42 3.90 -16.55 -16.26
N LYS D 43 4.88 -16.30 -17.12
CA LYS D 43 6.28 -16.47 -16.75
C LYS D 43 7.05 -15.16 -16.71
N GLY D 44 6.36 -14.02 -16.86
CA GLY D 44 7.06 -12.75 -16.87
C GLY D 44 8.03 -12.67 -18.03
N LEU D 45 9.18 -12.06 -17.77
CA LEU D 45 10.23 -11.93 -18.77
C LEU D 45 10.94 -13.26 -18.96
N GLU D 46 11.15 -13.64 -20.22
CA GLU D 46 11.64 -14.96 -20.59
C GLU D 46 12.60 -14.84 -21.77
N TRP D 47 13.84 -15.30 -21.58
CA TRP D 47 14.81 -15.33 -22.67
C TRP D 47 14.58 -16.55 -23.55
N LEU D 48 14.39 -16.33 -24.85
CA LEU D 48 14.02 -17.40 -25.77
C LEU D 48 15.20 -17.96 -26.56
N GLY D 49 16.04 -17.08 -27.11
CA GLY D 49 17.14 -17.58 -27.93
C GLY D 49 17.93 -16.44 -28.52
N VAL D 50 18.94 -16.81 -29.30
CA VAL D 50 19.86 -15.85 -29.90
C VAL D 50 20.42 -16.44 -31.19
N ILE D 51 20.61 -15.59 -32.20
CA ILE D 51 21.41 -15.93 -33.37
C ILE D 51 22.65 -15.05 -33.34
N TRP D 52 23.82 -15.67 -33.37
CA TRP D 52 25.08 -14.96 -33.21
C TRP D 52 25.58 -14.42 -34.55
N SER D 53 26.67 -13.66 -34.48
CA SER D 53 27.22 -12.98 -35.65
C SER D 53 27.42 -13.94 -36.82
N GLY D 54 28.04 -15.09 -36.56
CA GLY D 54 28.39 -16.05 -37.59
C GLY D 54 27.31 -17.04 -37.97
N GLY D 55 26.10 -16.92 -37.44
CA GLY D 55 24.99 -17.76 -37.84
C GLY D 55 24.55 -18.78 -36.81
N ASN D 56 25.39 -19.08 -35.81
CA ASN D 56 25.01 -20.06 -34.79
C ASN D 56 23.77 -19.60 -34.02
N THR D 57 23.05 -20.57 -33.46
CA THR D 57 21.84 -20.31 -32.69
C THR D 57 21.91 -21.03 -31.35
N ASP D 58 21.43 -20.36 -30.30
CA ASP D 58 21.14 -20.98 -29.02
C ASP D 58 19.65 -20.79 -28.74
N TYR D 59 19.03 -21.84 -28.21
CA TYR D 59 17.62 -21.79 -27.82
C TYR D 59 17.52 -22.20 -26.36
N ASN D 60 16.73 -21.46 -25.58
CA ASN D 60 16.45 -21.86 -24.22
C ASN D 60 15.75 -23.21 -24.22
N THR D 61 16.17 -24.10 -23.31
CA THR D 61 15.84 -25.52 -23.42
C THR D 61 14.35 -25.82 -23.64
N PRO D 62 13.38 -25.18 -22.99
CA PRO D 62 11.97 -25.52 -23.25
C PRO D 62 11.48 -25.12 -24.65
N PHE D 63 12.34 -24.58 -25.50
CA PHE D 63 11.94 -24.18 -26.84
C PHE D 63 12.79 -24.81 -27.94
N THR D 64 13.72 -25.70 -27.58
CA THR D 64 14.68 -26.23 -28.55
C THR D 64 13.99 -26.95 -29.71
N SER D 65 12.80 -27.50 -29.48
CA SER D 65 12.14 -28.33 -30.48
C SER D 65 10.99 -27.63 -31.19
N ARG D 66 10.74 -26.34 -30.90
CA ARG D 66 9.71 -25.63 -31.64
C ARG D 66 10.11 -24.21 -31.99
N LEU D 67 11.38 -23.85 -31.86
CA LEU D 67 11.86 -22.52 -32.16
C LEU D 67 12.90 -22.57 -33.27
N SER D 68 12.90 -21.55 -34.13
CA SER D 68 13.84 -21.44 -35.23
C SER D 68 14.14 -19.98 -35.48
N ILE D 69 15.42 -19.63 -35.51
CA ILE D 69 15.86 -18.26 -35.74
C ILE D 69 16.83 -18.26 -36.91
N ASN D 70 16.57 -17.39 -37.88
CA ASN D 70 17.41 -17.24 -39.06
C ASN D 70 17.59 -15.75 -39.35
N LYS D 71 18.49 -15.44 -40.29
CA LYS D 71 18.73 -14.04 -40.61
C LYS D 71 19.25 -13.91 -42.04
N ASP D 72 19.16 -12.67 -42.54
CA ASP D 72 19.76 -12.28 -43.81
C ASP D 72 20.64 -11.08 -43.51
N ASN D 73 21.95 -11.29 -43.55
CA ASN D 73 22.89 -10.21 -43.21
C ASN D 73 22.73 -9.03 -44.16
N SER D 74 22.60 -9.29 -45.46
CA SER D 74 22.57 -8.20 -46.43
C SER D 74 21.35 -7.32 -46.26
N LYS D 75 20.24 -7.88 -45.79
CA LYS D 75 19.01 -7.12 -45.59
C LYS D 75 18.81 -6.66 -44.15
N SER D 76 19.76 -6.92 -43.25
CA SER D 76 19.69 -6.50 -41.85
C SER D 76 18.41 -6.99 -41.18
N GLN D 77 17.97 -8.20 -41.54
CA GLN D 77 16.73 -8.77 -41.04
C GLN D 77 17.01 -10.06 -40.27
N VAL D 78 16.36 -10.19 -39.11
CA VAL D 78 16.40 -11.42 -38.32
C VAL D 78 14.99 -11.99 -38.28
N PHE D 79 14.86 -13.28 -38.56
CA PHE D 79 13.56 -13.95 -38.64
C PHE D 79 13.40 -14.91 -37.46
N PHE D 80 12.33 -14.71 -36.69
CA PHE D 80 11.98 -15.53 -35.55
C PHE D 80 10.75 -16.34 -35.91
N LYS D 81 10.78 -17.64 -35.62
CA LYS D 81 9.67 -18.53 -35.95
C LYS D 81 9.51 -19.57 -34.86
N MET D 82 8.30 -19.65 -34.29
CA MET D 82 7.99 -20.60 -33.22
C MET D 82 6.73 -21.37 -33.59
N ASN D 83 6.71 -22.66 -33.27
CA ASN D 83 5.71 -23.58 -33.79
C ASN D 83 4.76 -24.05 -32.70
N SER D 84 3.59 -24.50 -33.16
CA SER D 84 2.57 -25.13 -32.31
C SER D 84 2.28 -24.31 -31.06
N LEU D 85 1.76 -23.11 -31.28
CA LEU D 85 1.48 -22.20 -30.19
C LEU D 85 0.21 -22.60 -29.45
N GLN D 86 0.19 -22.32 -28.15
CA GLN D 86 -0.98 -22.54 -27.32
C GLN D 86 -1.37 -21.22 -26.67
N SER D 87 -2.50 -21.26 -25.96
CA SER D 87 -3.05 -20.05 -25.35
CA SER D 87 -3.05 -20.05 -25.35
C SER D 87 -1.99 -19.30 -24.55
N ASN D 88 -1.21 -20.02 -23.75
CA ASN D 88 -0.24 -19.38 -22.86
C ASN D 88 1.02 -18.90 -23.59
N ASP D 89 1.12 -19.08 -24.90
CA ASP D 89 2.16 -18.41 -25.66
C ASP D 89 1.77 -16.99 -26.04
N THR D 90 0.55 -16.57 -25.69
CA THR D 90 0.12 -15.20 -25.85
C THR D 90 1.01 -14.28 -25.02
N ALA D 91 1.71 -13.37 -25.67
CA ALA D 91 2.72 -12.54 -25.01
C ALA D 91 3.19 -11.45 -25.99
N ILE D 92 4.06 -10.57 -25.49
CA ILE D 92 4.78 -9.61 -26.34
C ILE D 92 6.18 -10.15 -26.55
N TYR D 93 6.62 -10.19 -27.81
CA TYR D 93 7.91 -10.76 -28.19
C TYR D 93 8.85 -9.64 -28.62
N TYR D 94 10.05 -9.63 -28.05
CA TYR D 94 11.06 -8.63 -28.37
C TYR D 94 12.25 -9.28 -29.05
N CYS D 95 12.83 -8.56 -30.00
CA CYS D 95 14.23 -8.76 -30.34
C CYS D 95 15.05 -7.73 -29.59
N ALA D 96 16.30 -8.08 -29.29
CA ALA D 96 17.13 -7.24 -28.46
C ALA D 96 18.60 -7.44 -28.84
N ARG D 97 19.39 -6.40 -28.66
CA ARG D 97 20.82 -6.42 -28.93
C ARG D 97 21.57 -6.06 -27.66
N ALA D 98 22.70 -6.74 -27.41
CA ALA D 98 23.51 -6.47 -26.25
C ALA D 98 24.54 -5.38 -26.55
N LEU D 99 25.24 -4.94 -25.50
CA LEU D 99 26.28 -3.93 -25.67
C LEU D 99 27.45 -4.48 -26.48
N THR D 100 27.95 -5.65 -26.10
CA THR D 100 29.06 -6.29 -26.78
C THR D 100 28.55 -7.48 -27.59
N TYR D 101 29.34 -7.89 -28.58
CA TYR D 101 28.88 -8.92 -29.51
C TYR D 101 28.59 -10.24 -28.80
N TYR D 102 29.22 -10.49 -27.66
CA TYR D 102 29.15 -11.78 -27.01
C TYR D 102 28.27 -11.82 -25.75
N ASP D 103 27.85 -10.66 -25.24
CA ASP D 103 27.30 -10.58 -23.88
C ASP D 103 25.78 -10.64 -23.90
N TYR D 104 25.15 -10.41 -22.74
CA TYR D 104 23.70 -10.57 -22.63
C TYR D 104 23.03 -9.41 -21.92
N GLU D 105 23.68 -8.26 -21.78
CA GLU D 105 23.03 -7.10 -21.16
C GLU D 105 22.41 -6.27 -22.29
N PHE D 106 21.08 -6.24 -22.31
CA PHE D 106 20.35 -5.81 -23.51
C PHE D 106 20.13 -4.31 -23.47
N ALA D 107 20.97 -3.58 -24.20
CA ALA D 107 20.87 -2.13 -24.23
C ALA D 107 19.88 -1.61 -25.27
N TYR D 108 19.56 -2.40 -26.29
CA TYR D 108 18.68 -1.95 -27.36
C TYR D 108 17.58 -2.98 -27.59
N TRP D 109 16.34 -2.52 -27.66
CA TRP D 109 15.19 -3.39 -27.80
C TRP D 109 14.32 -2.95 -28.96
N GLY D 110 13.66 -3.91 -29.59
CA GLY D 110 12.58 -3.60 -30.49
C GLY D 110 11.39 -3.05 -29.73
N GLN D 111 10.39 -2.58 -30.48
CA GLN D 111 9.19 -2.08 -29.82
C GLN D 111 8.29 -3.18 -29.31
N GLY D 112 8.55 -4.43 -29.68
CA GLY D 112 7.73 -5.54 -29.23
C GLY D 112 6.58 -5.82 -30.18
N THR D 113 6.18 -7.10 -30.21
CA THR D 113 5.10 -7.57 -31.06
C THR D 113 4.13 -8.37 -30.21
N LEU D 114 2.92 -7.84 -30.01
CA LEU D 114 1.91 -8.56 -29.26
C LEU D 114 1.35 -9.69 -30.11
N VAL D 115 1.46 -10.92 -29.62
CA VAL D 115 0.93 -12.10 -30.29
C VAL D 115 -0.19 -12.66 -29.44
N THR D 116 -1.35 -12.87 -30.07
CA THR D 116 -2.50 -13.47 -29.40
C THR D 116 -2.76 -14.83 -30.03
N VAL D 117 -2.83 -15.86 -29.20
CA VAL D 117 -3.17 -17.21 -29.63
C VAL D 117 -4.63 -17.44 -29.30
N SER D 118 -5.48 -17.45 -30.32
CA SER D 118 -6.91 -17.65 -30.14
C SER D 118 -7.48 -18.27 -31.40
N ALA D 119 -8.57 -19.02 -31.23
CA ALA D 119 -9.29 -19.57 -32.37
C ALA D 119 -10.26 -18.56 -33.00
N ALA D 120 -10.47 -17.42 -32.36
CA ALA D 120 -11.42 -16.43 -32.84
C ALA D 120 -10.91 -15.74 -34.11
N SER D 121 -11.72 -14.81 -34.61
CA SER D 121 -11.44 -14.09 -35.85
C SER D 121 -10.96 -12.68 -35.55
N THR D 122 -10.18 -12.14 -36.49
CA THR D 122 -9.80 -10.74 -36.43
C THR D 122 -11.01 -9.87 -36.78
N LYS D 123 -11.19 -8.79 -36.03
CA LYS D 123 -12.28 -7.86 -36.30
C LYS D 123 -11.85 -6.45 -35.94
N GLY D 124 -12.01 -5.52 -36.88
CA GLY D 124 -11.70 -4.13 -36.66
C GLY D 124 -12.76 -3.46 -35.82
N PRO D 125 -12.41 -2.34 -35.20
CA PRO D 125 -13.33 -1.67 -34.28
C PRO D 125 -14.22 -0.65 -34.97
N SER D 126 -15.30 -0.30 -34.28
CA SER D 126 -16.07 0.88 -34.56
C SER D 126 -15.61 1.97 -33.61
N VAL D 127 -15.52 3.20 -34.11
CA VAL D 127 -14.97 4.33 -33.35
C VAL D 127 -16.08 5.37 -33.19
N PHE D 128 -16.36 5.77 -31.95
CA PHE D 128 -17.52 6.60 -31.71
C PHE D 128 -17.13 7.85 -30.93
N PRO D 129 -17.83 8.96 -31.16
CA PRO D 129 -17.49 10.18 -30.42
C PRO D 129 -17.90 10.06 -28.96
N LEU D 130 -17.08 10.66 -28.09
CA LEU D 130 -17.48 11.01 -26.72
C LEU D 130 -17.46 12.54 -26.68
N ALA D 131 -18.60 13.12 -26.89
CA ALA D 131 -18.78 14.53 -27.16
C ALA D 131 -19.18 15.28 -25.89
N PRO D 132 -18.53 16.44 -25.64
CA PRO D 132 -18.86 17.39 -24.59
C PRO D 132 -20.06 18.27 -24.96
N GLY D 140 -13.86 25.95 -16.87
CA GLY D 140 -14.09 26.02 -18.30
C GLY D 140 -13.25 25.01 -19.07
N THR D 141 -13.05 23.84 -18.47
CA THR D 141 -12.35 22.74 -19.12
C THR D 141 -13.38 21.76 -19.67
N ALA D 142 -13.20 21.35 -20.92
CA ALA D 142 -14.05 20.36 -21.55
C ALA D 142 -13.30 19.06 -21.73
N ALA D 143 -14.00 17.95 -21.55
CA ALA D 143 -13.46 16.63 -21.83
C ALA D 143 -14.13 16.06 -23.07
N LEU D 144 -13.34 15.43 -23.92
CA LEU D 144 -13.88 14.75 -25.09
C LEU D 144 -13.02 13.51 -25.34
N GLY D 145 -13.54 12.61 -26.17
CA GLY D 145 -12.80 11.40 -26.40
C GLY D 145 -13.37 10.56 -27.52
N CYS D 146 -12.79 9.37 -27.67
CA CYS D 146 -13.20 8.39 -28.68
C CYS D 146 -13.41 7.04 -28.02
N LEU D 147 -14.49 6.36 -28.38
CA LEU D 147 -14.77 5.02 -27.89
C LEU D 147 -14.43 4.05 -29.01
N VAL D 148 -13.42 3.22 -28.78
CA VAL D 148 -12.95 2.25 -29.75
C VAL D 148 -13.55 0.90 -29.35
N LYS D 149 -14.52 0.44 -30.14
CA LYS D 149 -15.49 -0.55 -29.69
C LYS D 149 -15.42 -1.81 -30.55
N ASP D 150 -15.39 -2.97 -29.89
CA ASP D 150 -15.61 -4.28 -30.49
C ASP D 150 -14.53 -4.69 -31.50
N TYR D 151 -13.31 -4.87 -31.03
CA TYR D 151 -12.22 -5.31 -31.90
C TYR D 151 -11.50 -6.50 -31.29
N PHE D 152 -10.82 -7.24 -32.15
CA PHE D 152 -10.03 -8.39 -31.74
C PHE D 152 -9.01 -8.71 -32.82
N PRO D 153 -7.75 -8.97 -32.42
CA PRO D 153 -7.28 -8.96 -31.05
C PRO D 153 -6.69 -7.61 -30.66
N GLU D 154 -6.05 -7.57 -29.51
CA GLU D 154 -5.23 -6.42 -29.15
C GLU D 154 -3.99 -6.42 -30.03
N PRO D 155 -3.32 -5.26 -30.16
CA PRO D 155 -3.67 -3.96 -29.58
C PRO D 155 -4.23 -3.02 -30.60
N VAL D 156 -4.63 -1.84 -30.13
CA VAL D 156 -5.00 -0.73 -30.99
C VAL D 156 -4.23 0.49 -30.49
N THR D 157 -3.77 1.31 -31.43
CA THR D 157 -3.08 2.55 -31.08
C THR D 157 -4.01 3.73 -31.31
N VAL D 158 -3.95 4.71 -30.42
CA VAL D 158 -4.73 5.94 -30.53
C VAL D 158 -3.79 7.12 -30.32
N SER D 159 -3.85 8.08 -31.23
CA SER D 159 -3.20 9.37 -31.05
C SER D 159 -4.23 10.45 -31.29
N TRP D 160 -3.84 11.70 -31.07
CA TRP D 160 -4.73 12.84 -31.24
C TRP D 160 -4.04 13.87 -32.12
N ASN D 161 -4.76 14.33 -33.15
CA ASN D 161 -4.25 15.32 -34.10
C ASN D 161 -2.86 14.93 -34.62
N SER D 162 -2.74 13.65 -35.03
CA SER D 162 -1.52 13.12 -35.65
C SER D 162 -0.30 13.30 -34.76
N GLY D 163 -0.48 13.17 -33.45
CA GLY D 163 0.59 13.28 -32.51
C GLY D 163 0.79 14.66 -31.92
N ALA D 164 0.21 15.71 -32.51
CA ALA D 164 0.46 17.06 -32.05
C ALA D 164 -0.15 17.34 -30.68
N LEU D 165 -1.18 16.60 -30.29
CA LEU D 165 -1.88 16.83 -29.02
C LEU D 165 -1.62 15.67 -28.09
N THR D 166 -0.86 15.93 -27.03
CA THR D 166 -0.48 14.90 -26.06
C THR D 166 -0.82 15.32 -24.64
N SER D 167 -0.72 16.62 -24.37
CA SER D 167 -0.97 17.14 -23.03
C SER D 167 -2.42 16.92 -22.62
N GLY D 168 -2.63 16.15 -21.56
CA GLY D 168 -3.97 15.85 -21.09
C GLY D 168 -4.61 14.62 -21.68
N VAL D 169 -3.88 13.87 -22.51
CA VAL D 169 -4.41 12.67 -23.14
C VAL D 169 -4.26 11.49 -22.19
N HIS D 170 -5.36 10.77 -21.96
CA HIS D 170 -5.31 9.47 -21.30
C HIS D 170 -5.96 8.45 -22.21
N THR D 171 -5.20 7.42 -22.58
CA THR D 171 -5.73 6.29 -23.33
C THR D 171 -5.83 5.12 -22.36
N PHE D 172 -7.03 4.62 -22.19
CA PHE D 172 -7.24 3.65 -21.12
C PHE D 172 -6.86 2.23 -21.57
N PRO D 173 -6.47 1.39 -20.63
CA PRO D 173 -6.32 -0.04 -20.95
C PRO D 173 -7.61 -0.61 -21.51
N ALA D 174 -7.47 -1.44 -22.53
CA ALA D 174 -8.63 -2.12 -23.11
C ALA D 174 -9.22 -3.11 -22.10
N VAL D 175 -10.52 -3.35 -22.22
CA VAL D 175 -11.20 -4.34 -21.41
C VAL D 175 -11.82 -5.39 -22.33
N LEU D 176 -11.82 -6.63 -21.88
CA LEU D 176 -12.49 -7.70 -22.61
C LEU D 176 -13.97 -7.69 -22.26
N GLN D 177 -14.80 -7.36 -23.24
CA GLN D 177 -16.24 -7.44 -23.04
C GLN D 177 -16.69 -8.90 -22.99
N SER D 178 -17.89 -9.12 -22.45
CA SER D 178 -18.40 -10.49 -22.37
C SER D 178 -18.61 -11.10 -23.75
N SER D 179 -18.65 -10.28 -24.80
CA SER D 179 -18.75 -10.77 -26.16
C SER D 179 -17.43 -11.36 -26.67
N GLY D 180 -16.35 -11.25 -25.90
CA GLY D 180 -15.04 -11.64 -26.39
C GLY D 180 -14.33 -10.60 -27.21
N LEU D 181 -14.94 -9.43 -27.41
CA LEU D 181 -14.34 -8.34 -28.16
C LEU D 181 -13.82 -7.28 -27.20
N TYR D 182 -12.72 -6.65 -27.58
CA TYR D 182 -12.10 -5.63 -26.74
C TYR D 182 -12.76 -4.27 -26.96
N SER D 183 -12.53 -3.38 -26.01
CA SER D 183 -13.04 -2.02 -26.09
C SER D 183 -12.12 -1.14 -25.25
N LEU D 184 -11.87 0.08 -25.72
CA LEU D 184 -11.14 1.03 -24.92
C LEU D 184 -11.63 2.43 -25.27
N SER D 185 -11.24 3.38 -24.43
CA SER D 185 -11.56 4.78 -24.59
C SER D 185 -10.29 5.59 -24.48
N SER D 186 -10.21 6.66 -25.28
CA SER D 186 -9.16 7.65 -25.18
C SER D 186 -9.83 9.00 -25.02
N VAL D 187 -9.34 9.80 -24.07
CA VAL D 187 -9.93 11.08 -23.74
C VAL D 187 -8.84 12.14 -23.66
N VAL D 188 -9.26 13.39 -23.76
CA VAL D 188 -8.38 14.54 -23.56
C VAL D 188 -9.22 15.67 -22.98
N THR D 189 -8.58 16.51 -22.17
CA THR D 189 -9.22 17.71 -21.65
C THR D 189 -8.64 18.92 -22.35
N VAL D 190 -9.52 19.80 -22.81
CA VAL D 190 -9.12 20.98 -23.57
C VAL D 190 -9.86 22.20 -23.02
N PRO D 191 -9.35 23.40 -23.30
CA PRO D 191 -10.14 24.60 -22.99
C PRO D 191 -11.43 24.60 -23.80
N SER D 192 -12.56 24.78 -23.10
CA SER D 192 -13.84 24.71 -23.77
C SER D 192 -14.02 25.83 -24.80
N SER D 193 -13.31 26.95 -24.63
CA SER D 193 -13.42 28.04 -25.60
C SER D 193 -12.69 27.77 -26.91
N SER D 194 -12.00 26.65 -27.04
CA SER D 194 -11.35 26.26 -28.28
C SER D 194 -12.16 25.26 -29.10
N LEU D 195 -13.33 24.84 -28.59
CA LEU D 195 -14.12 23.82 -29.29
C LEU D 195 -14.67 24.30 -30.61
N GLY D 196 -14.70 25.60 -30.86
CA GLY D 196 -15.21 26.12 -32.11
C GLY D 196 -14.14 26.32 -33.17
N THR D 197 -12.94 26.70 -32.73
CA THR D 197 -11.85 27.02 -33.65
C THR D 197 -10.91 25.86 -33.92
N GLN D 198 -10.68 25.00 -32.92
CA GLN D 198 -9.68 23.94 -33.02
C GLN D 198 -10.36 22.60 -33.28
N THR D 199 -9.92 21.90 -34.33
CA THR D 199 -10.44 20.56 -34.59
C THR D 199 -9.69 19.54 -33.76
N TYR D 200 -10.43 18.60 -33.20
CA TYR D 200 -9.86 17.52 -32.40
C TYR D 200 -10.15 16.20 -33.09
N ILE D 201 -9.09 15.49 -33.48
CA ILE D 201 -9.17 14.24 -34.22
C ILE D 201 -8.50 13.16 -33.40
N CYS D 202 -9.16 12.02 -33.22
CA CYS D 202 -8.49 10.87 -32.68
C CYS D 202 -8.11 9.95 -33.85
N ASN D 203 -6.88 9.46 -33.82
CA ASN D 203 -6.33 8.65 -34.89
C ASN D 203 -6.26 7.23 -34.36
N VAL D 204 -7.15 6.39 -34.84
CA VAL D 204 -7.25 5.01 -34.38
C VAL D 204 -6.63 4.12 -35.45
N ASN D 205 -5.78 3.19 -35.03
CA ASN D 205 -5.21 2.21 -35.95
C ASN D 205 -5.23 0.86 -35.25
N HIS D 206 -5.92 -0.10 -35.87
CA HIS D 206 -5.96 -1.48 -35.43
C HIS D 206 -5.22 -2.30 -36.50
N LYS D 207 -3.94 -2.50 -36.28
CA LYS D 207 -3.08 -3.13 -37.29
C LYS D 207 -3.43 -4.59 -37.60
N PRO D 208 -3.86 -5.41 -36.63
CA PRO D 208 -4.27 -6.78 -36.99
C PRO D 208 -5.31 -6.85 -38.09
N SER D 209 -6.21 -5.87 -38.17
CA SER D 209 -7.22 -5.83 -39.22
C SER D 209 -6.92 -4.77 -40.27
N ASN D 210 -5.77 -4.10 -40.19
CA ASN D 210 -5.42 -3.01 -41.10
C ASN D 210 -6.52 -1.96 -41.18
N THR D 211 -7.16 -1.69 -40.04
CA THR D 211 -8.23 -0.71 -39.95
C THR D 211 -7.69 0.59 -39.37
N LYS D 212 -7.74 1.66 -40.17
CA LYS D 212 -7.37 2.99 -39.73
C LYS D 212 -8.60 3.90 -39.80
N VAL D 213 -8.83 4.67 -38.74
CA VAL D 213 -9.97 5.59 -38.67
C VAL D 213 -9.50 6.90 -38.05
N ASP D 214 -9.82 8.01 -38.72
CA ASP D 214 -9.63 9.34 -38.16
C ASP D 214 -11.01 9.92 -37.84
N LYS D 215 -11.23 10.24 -36.56
CA LYS D 215 -12.54 10.65 -36.08
C LYS D 215 -12.46 12.02 -35.44
N ARG D 216 -13.26 12.95 -35.94
CA ARG D 216 -13.40 14.24 -35.29
C ARG D 216 -14.44 14.15 -34.18
N VAL D 217 -14.14 14.80 -33.05
CA VAL D 217 -15.02 14.81 -31.89
C VAL D 217 -15.33 16.26 -31.56
N GLU D 218 -16.61 16.60 -31.53
CA GLU D 218 -17.06 17.95 -31.26
C GLU D 218 -18.40 17.86 -30.54
N PRO D 219 -18.84 18.94 -29.89
CA PRO D 219 -20.13 18.89 -29.21
C PRO D 219 -21.28 18.69 -30.19
N LYS D 220 -22.21 17.82 -29.83
CA LYS D 220 -23.32 17.44 -30.70
C LYS D 220 -24.23 18.63 -31.00
N GLY E 1 4.87 6.59 9.32
CA GLY E 1 6.32 6.52 9.46
C GLY E 1 6.82 6.87 10.85
N GLN E 2 6.01 7.61 11.60
CA GLN E 2 6.38 8.00 12.95
C GLN E 2 5.71 7.11 13.99
CD1 4BF E 3 6.46 3.59 18.29
CE1 4BF E 3 6.22 3.03 19.53
CZ 4BF E 3 6.39 3.79 20.67
BR 4BF E 3 6.07 2.98 22.38
CE2 4BF E 3 6.80 5.12 20.59
CD2 4BF E 3 7.04 5.68 19.35
CG 4BF E 3 6.87 4.92 18.20
CB 4BF E 3 7.11 5.52 16.86
CA 4BF E 3 5.92 6.02 16.12
N 4BF E 3 6.42 6.86 15.08
C 4BF E 3 4.96 6.80 16.96
O 4BF E 3 5.20 7.91 17.30
N ASP E 4 3.83 6.17 17.29
CA ASP E 4 2.79 6.80 18.08
C ASP E 4 2.73 6.22 19.49
N LEU E 5 2.86 7.10 20.49
CA LEU E 5 2.82 6.64 21.88
C LEU E 5 1.45 6.10 22.27
N SER E 6 0.39 6.54 21.59
CA SER E 6 -0.96 6.09 21.95
C SER E 6 -1.19 4.62 21.63
N THR E 7 -0.66 4.16 20.50
CA THR E 7 -0.94 2.82 19.99
C THR E 7 0.30 1.95 19.99
N ARG E 8 1.46 2.52 20.32
CA ARG E 8 2.73 1.83 20.29
C ARG E 8 3.04 1.29 18.89
N ARG E 9 2.43 1.88 17.88
CA ARG E 9 2.59 1.46 16.49
C ARG E 9 3.08 2.63 15.64
N LEU E 10 3.61 2.30 14.46
CA LEU E 10 4.01 3.31 13.50
C LEU E 10 2.78 3.86 12.79
N LYS E 11 2.66 5.18 12.77
CA LYS E 11 1.59 5.87 12.05
C LYS E 11 2.22 6.94 11.17
N GLY E 12 2.14 6.74 9.86
CA GLY E 12 2.75 7.65 8.91
C GLY E 12 4.25 7.73 9.06
N GLY F 1 1.33 -8.27 -8.87
CA GLY F 1 2.51 -9.12 -8.96
C GLY F 1 2.62 -9.88 -10.28
N GLN F 2 1.72 -9.57 -11.21
CA GLN F 2 1.68 -10.26 -12.49
C GLN F 2 1.68 -9.28 -13.66
CD1 4BF F 3 4.40 -7.25 -17.97
CE1 4BF F 3 4.60 -6.56 -19.15
CZ 4BF F 3 4.23 -7.12 -20.36
BR 4BF F 3 4.52 -6.16 -21.99
CE2 4BF F 3 3.64 -8.39 -20.39
CD2 4BF F 3 3.43 -9.08 -19.21
CG 4BF F 3 3.82 -8.51 -18.00
CB 4BF F 3 3.60 -9.23 -16.71
CA 4BF F 3 2.43 -8.79 -15.89
N 4BF F 3 2.36 -9.64 -14.74
C 4BF F 3 1.13 -8.84 -16.65
O 4BF F 3 0.59 -9.86 -16.86
N ASP F 4 0.65 -7.67 -17.05
CA ASP F 4 -0.59 -7.56 -17.80
C ASP F 4 -0.31 -7.06 -19.22
N LEU F 5 -0.81 -7.81 -20.21
CA LEU F 5 -0.56 -7.46 -21.60
C LEU F 5 -1.31 -6.20 -22.02
N SER F 6 -2.43 -5.90 -21.36
CA SER F 6 -3.24 -4.74 -21.71
C SER F 6 -2.60 -3.43 -21.27
N THR F 7 -1.53 -3.47 -20.48
CA THR F 7 -0.87 -2.28 -19.97
C THR F 7 0.65 -2.30 -20.06
N ARG F 8 1.26 -3.43 -20.41
CA ARG F 8 2.71 -3.61 -20.33
C ARG F 8 3.25 -3.36 -18.93
N ARG F 9 2.40 -3.53 -17.91
CA ARG F 9 2.76 -3.17 -16.54
C ARG F 9 2.39 -4.29 -15.58
N LEU F 10 3.11 -4.35 -14.46
CA LEU F 10 2.78 -5.29 -13.41
C LEU F 10 1.45 -4.92 -12.78
N LYS F 11 0.66 -5.95 -12.47
CA LYS F 11 -0.64 -5.75 -11.82
C LYS F 11 -0.89 -6.94 -10.91
N GLY F 12 -0.87 -6.71 -9.61
CA GLY F 12 -1.02 -7.76 -8.63
C GLY F 12 0.11 -8.77 -8.70
P PO4 G . 2.90 -16.21 17.21
O1 PO4 G . 3.68 -17.15 18.09
O2 PO4 G . 3.84 -15.17 16.63
O3 PO4 G . 2.26 -16.99 16.07
O4 PO4 G . 1.83 -15.53 18.03
P PO4 H . -8.67 -5.09 18.08
O1 PO4 H . -7.57 -5.74 18.89
O2 PO4 H . -8.12 -4.60 16.76
O3 PO4 H . -9.74 -6.11 17.84
O4 PO4 H . -9.25 -3.93 18.86
P PO4 I . -1.26 8.87 -18.36
O1 PO4 I . -0.04 8.96 -19.27
O2 PO4 I . -1.06 7.74 -17.38
O3 PO4 I . -2.49 8.61 -19.21
O4 PO4 I . -1.43 10.17 -17.63
#